data_3TII
#
_entry.id   3TII
#
_cell.length_a   44.416
_cell.length_b   74.663
_cell.length_c   117.328
_cell.angle_alpha   90.00
_cell.angle_beta   90.11
_cell.angle_gamma   90.00
#
_symmetry.space_group_name_H-M   'P 1 21 1'
#
loop_
_entity.id
_entity.type
_entity.pdbx_description
1 polymer 'Ttl protein'
2 non-polymer 'PHOSPHOAMINOPHOSPHONIC ACID-ADENYLATE ESTER'
3 non-polymer 'MAGNESIUM ION'
4 water water
#
_entity_poly.entity_id   1
_entity_poly.type   'polypeptide(L)'
_entity_poly.pdbx_seq_one_letter_code
;GSFTYTFVVRDENSTVYAEVAKILLASGQWKRLKRDNPKFNLMLGERNRLPFGRLGHEPGLVQLVNYYRGADKLCRKASL
VKLIKTSPELTETCTWFPESYVIYPTNEKTPAMRARNGLPDLANAPRTDEREEFRSSFNKKKENEEGNVWIAKSSSGAKG
EGILISSDATELLDFIDNQGQVHVIQKYLESPLLLEPGHRKFDIRSWVLVDNQYNIYLYREGVLRTSSEPYSDTNFQDMT
SHLTNHCIQKEHSKNYGRYEEGNEMFFEEFNQYLVTSLNINLENSILCQIKEIIRVCLSCLEPAISTKYLPYHSFQLFGF
DFMVDKNLKVWLIEVNGAPACAQKLYAELCKGIVDLAISSVFPLNEENHKPTEDNVFIKL
;
_entity_poly.pdbx_strand_id   A,B
#
loop_
_chem_comp.id
_chem_comp.type
_chem_comp.name
_chem_comp.formula
ANP non-polymer 'PHOSPHOAMINOPHOSPHONIC ACID-ADENYLATE ESTER' 'C10 H17 N6 O12 P3'
MG non-polymer 'MAGNESIUM ION' 'Mg 2'
#
# COMPACT_ATOMS: atom_id res chain seq x y z
N GLY A 1 -11.76 2.03 -3.03
CA GLY A 1 -11.67 3.51 -2.91
C GLY A 1 -12.15 4.23 -4.15
N SER A 2 -12.90 3.52 -4.98
CA SER A 2 -13.44 4.06 -6.22
C SER A 2 -12.48 4.94 -7.01
N PHE A 3 -11.19 4.69 -6.91
CA PHE A 3 -10.25 5.50 -7.67
C PHE A 3 -9.90 4.83 -8.99
N THR A 4 -9.60 5.63 -10.00
CA THR A 4 -9.24 5.06 -11.29
C THR A 4 -7.80 5.30 -11.69
N TYR A 5 -7.06 4.20 -11.82
CA TYR A 5 -5.67 4.23 -12.20
C TYR A 5 -5.57 4.39 -13.71
N THR A 6 -4.37 4.72 -14.19
CA THR A 6 -4.17 4.91 -15.62
C THR A 6 -3.01 4.06 -16.16
N PHE A 7 -2.95 3.89 -17.49
CA PHE A 7 -1.87 3.11 -18.10
C PHE A 7 -1.64 3.33 -19.58
N VAL A 8 -0.38 3.18 -20.00
CA VAL A 8 0.00 3.32 -21.39
C VAL A 8 0.44 1.94 -21.86
N VAL A 9 0.25 1.68 -23.15
CA VAL A 9 0.66 0.42 -23.78
C VAL A 9 1.68 0.77 -24.86
N ARG A 10 2.93 0.40 -24.65
CA ARG A 10 3.99 0.70 -25.60
C ARG A 10 4.33 -0.51 -26.49
N ASP A 11 3.71 -1.64 -26.20
CA ASP A 11 3.93 -2.85 -26.98
C ASP A 11 2.60 -3.44 -27.43
N GLU A 12 2.10 -2.96 -28.56
CA GLU A 12 0.82 -3.43 -29.08
C GLU A 12 0.82 -4.89 -29.51
N ASN A 13 2.00 -5.45 -29.77
CA ASN A 13 2.09 -6.83 -30.23
C ASN A 13 2.34 -7.93 -29.20
N SER A 14 2.19 -7.61 -27.92
CA SER A 14 2.34 -8.62 -26.89
C SER A 14 0.96 -9.18 -26.67
N THR A 15 0.80 -10.49 -26.84
CA THR A 15 -0.52 -11.06 -26.64
C THR A 15 -0.77 -11.28 -25.16
N VAL A 16 0.30 -11.30 -24.37
CA VAL A 16 0.12 -11.48 -22.94
C VAL A 16 -0.33 -10.17 -22.30
N TYR A 17 0.19 -9.06 -22.81
CA TYR A 17 -0.14 -7.75 -22.28
C TYR A 17 -1.19 -6.95 -23.07
N ALA A 18 -1.67 -7.53 -24.15
CA ALA A 18 -2.72 -6.92 -24.93
C ALA A 18 -3.93 -7.46 -24.18
N GLU A 19 -3.72 -8.62 -23.59
CA GLU A 19 -4.74 -9.30 -22.79
C GLU A 19 -4.89 -8.54 -21.47
N VAL A 20 -3.79 -8.41 -20.75
CA VAL A 20 -3.78 -7.71 -19.46
C VAL A 20 -4.45 -6.34 -19.58
N ALA A 21 -4.16 -5.62 -20.67
CA ALA A 21 -4.73 -4.30 -20.92
C ALA A 21 -6.24 -4.35 -20.84
N LYS A 22 -6.81 -5.55 -20.96
CA LYS A 22 -8.25 -5.71 -20.91
C LYS A 22 -8.73 -6.01 -19.51
N ILE A 23 -8.33 -7.17 -19.00
CA ILE A 23 -8.71 -7.63 -17.64
C ILE A 23 -8.74 -6.45 -16.68
N LEU A 24 -7.92 -5.45 -16.96
CA LEU A 24 -7.84 -4.25 -16.15
C LEU A 24 -9.21 -3.57 -16.29
N LEU A 25 -9.48 -3.07 -17.48
CA LEU A 25 -10.75 -2.43 -17.80
C LEU A 25 -11.92 -3.21 -17.19
N ALA A 26 -11.79 -4.53 -17.16
CA ALA A 26 -12.82 -5.40 -16.60
C ALA A 26 -13.18 -5.10 -15.15
N SER A 27 -12.24 -4.53 -14.39
CA SER A 27 -12.46 -4.22 -12.99
C SER A 27 -13.21 -2.90 -12.82
N GLY A 28 -13.27 -2.13 -13.90
CA GLY A 28 -13.96 -0.86 -13.85
C GLY A 28 -13.19 0.12 -12.99
N GLN A 29 -11.86 0.11 -13.08
CA GLN A 29 -11.06 1.03 -12.28
C GLN A 29 -9.78 1.47 -12.98
N TRP A 30 -9.67 1.14 -14.27
CA TRP A 30 -8.49 1.50 -15.03
C TRP A 30 -8.86 2.19 -16.35
N LYS A 31 -8.03 3.13 -16.76
CA LYS A 31 -8.28 3.85 -18.00
C LYS A 31 -6.99 3.92 -18.81
N ARG A 32 -7.00 3.40 -20.03
CA ARG A 32 -5.84 3.44 -20.90
C ARG A 32 -5.65 4.82 -21.50
N LEU A 33 -4.40 5.29 -21.56
CA LEU A 33 -4.10 6.61 -22.11
C LEU A 33 -3.33 6.50 -23.42
N LYS A 34 -2.94 7.65 -23.97
CA LYS A 34 -2.21 7.67 -25.22
C LYS A 34 -0.81 7.13 -24.97
N ARG A 35 -0.39 6.20 -25.81
CA ARG A 35 0.93 5.58 -25.72
C ARG A 35 2.02 6.53 -25.24
N ASP A 36 1.90 7.81 -25.55
CA ASP A 36 2.92 8.78 -25.15
C ASP A 36 2.58 9.54 -23.88
N ASN A 37 1.35 9.39 -23.38
CA ASN A 37 0.95 10.11 -22.17
C ASN A 37 1.80 9.66 -20.98
N PRO A 38 2.51 10.60 -20.35
CA PRO A 38 3.39 10.32 -19.20
C PRO A 38 2.67 10.26 -17.83
N LYS A 39 1.36 10.51 -17.79
CA LYS A 39 0.61 10.46 -16.52
C LYS A 39 0.06 9.05 -16.20
N PHE A 40 0.85 8.03 -16.48
CA PHE A 40 0.40 6.67 -16.23
C PHE A 40 0.91 6.07 -14.90
N ASN A 41 0.12 5.17 -14.32
CA ASN A 41 0.49 4.48 -13.08
C ASN A 41 1.23 3.20 -13.50
N LEU A 42 0.73 2.56 -14.54
CA LEU A 42 1.26 1.31 -15.06
C LEU A 42 1.66 1.39 -16.53
N MET A 43 2.89 0.99 -16.84
CA MET A 43 3.33 1.01 -18.22
C MET A 43 3.59 -0.39 -18.71
N LEU A 44 2.84 -0.81 -19.73
CA LEU A 44 3.06 -2.13 -20.33
C LEU A 44 4.02 -1.82 -21.46
N GLY A 45 5.31 -1.82 -21.14
CA GLY A 45 6.34 -1.48 -22.09
C GLY A 45 6.71 -2.48 -23.18
N GLU A 46 7.63 -2.04 -24.03
CA GLU A 46 8.14 -2.76 -25.17
C GLU A 46 9.14 -3.87 -24.84
N ARG A 47 9.11 -4.94 -25.65
CA ARG A 47 10.00 -6.09 -25.49
C ARG A 47 11.44 -5.72 -25.18
N ASN A 48 12.04 -4.89 -26.02
CA ASN A 48 13.43 -4.49 -25.80
C ASN A 48 13.54 -2.99 -26.00
N ARG A 49 14.60 -2.39 -25.45
CA ARG A 49 14.80 -0.95 -25.55
C ARG A 49 13.57 -0.21 -25.01
N LEU A 50 13.38 -0.31 -23.69
CA LEU A 50 12.28 0.32 -22.99
C LEU A 50 12.90 1.52 -22.27
N PRO A 51 12.23 2.68 -22.29
CA PRO A 51 12.69 3.92 -21.66
C PRO A 51 12.57 4.00 -20.14
N PHE A 52 13.35 3.18 -19.43
CA PHE A 52 13.36 3.16 -17.98
C PHE A 52 13.86 4.47 -17.37
N GLY A 53 14.66 5.21 -18.14
CA GLY A 53 15.19 6.46 -17.64
C GLY A 53 14.16 7.54 -17.35
N ARG A 54 12.95 7.37 -17.90
CA ARG A 54 11.89 8.35 -17.71
C ARG A 54 10.79 7.89 -16.75
N LEU A 55 11.13 7.00 -15.82
CA LEU A 55 10.14 6.50 -14.87
C LEU A 55 10.31 7.10 -13.49
N GLY A 56 9.17 7.43 -12.86
CA GLY A 56 9.21 8.00 -11.53
C GLY A 56 9.63 9.46 -11.46
N HIS A 57 9.27 10.24 -12.47
CA HIS A 57 9.61 11.65 -12.50
C HIS A 57 8.34 12.47 -12.34
N GLU A 58 7.35 12.23 -13.20
CA GLU A 58 6.07 12.93 -13.16
C GLU A 58 5.67 13.15 -11.70
N PRO A 59 5.54 14.42 -11.26
CA PRO A 59 5.19 14.72 -9.86
C PRO A 59 4.02 13.93 -9.25
N GLY A 60 4.29 13.28 -8.11
CA GLY A 60 3.27 12.53 -7.42
C GLY A 60 2.83 11.19 -7.99
N LEU A 61 3.43 10.76 -9.09
CA LEU A 61 3.03 9.48 -9.67
C LEU A 61 3.84 8.27 -9.25
N VAL A 62 3.16 7.26 -8.73
CA VAL A 62 3.82 6.04 -8.37
C VAL A 62 3.64 5.20 -9.62
N GLN A 63 4.75 4.79 -10.20
CA GLN A 63 4.73 4.02 -11.44
C GLN A 63 5.26 2.60 -11.38
N LEU A 64 4.60 1.74 -12.16
CA LEU A 64 4.95 0.35 -12.23
C LEU A 64 5.13 -0.02 -13.70
N VAL A 65 6.20 -0.75 -14.01
CA VAL A 65 6.46 -1.16 -15.37
C VAL A 65 6.57 -2.68 -15.34
N ASN A 66 6.14 -3.34 -16.42
CA ASN A 66 6.16 -4.79 -16.49
C ASN A 66 7.47 -5.44 -16.94
N TYR A 67 8.60 -4.79 -16.63
CA TYR A 67 9.93 -5.31 -16.95
C TYR A 67 10.95 -4.84 -15.93
N TYR A 68 11.86 -5.74 -15.58
CA TYR A 68 12.92 -5.42 -14.64
C TYR A 68 14.12 -5.00 -15.47
N ARG A 69 14.57 -3.77 -15.29
CA ARG A 69 15.74 -3.32 -16.04
C ARG A 69 16.91 -4.25 -15.67
N GLY A 70 17.65 -4.70 -16.67
CA GLY A 70 18.78 -5.57 -16.42
C GLY A 70 18.44 -7.05 -16.38
N ALA A 71 17.15 -7.37 -16.50
CA ALA A 71 16.74 -8.77 -16.47
C ALA A 71 17.24 -9.54 -17.69
N ASP A 72 17.74 -8.83 -18.70
CA ASP A 72 18.25 -9.51 -19.89
C ASP A 72 19.55 -10.25 -19.56
N LYS A 73 20.12 -9.97 -18.38
CA LYS A 73 21.35 -10.61 -17.91
C LYS A 73 21.09 -12.06 -17.57
N LEU A 74 19.85 -12.48 -17.72
CA LEU A 74 19.48 -13.84 -17.42
C LEU A 74 18.86 -14.44 -18.66
N CYS A 75 18.23 -13.58 -19.46
CA CYS A 75 17.54 -14.01 -20.67
C CYS A 75 18.36 -14.20 -21.93
N ARG A 76 19.50 -13.53 -22.04
CA ARG A 76 20.33 -13.72 -23.22
C ARG A 76 21.32 -14.85 -22.96
N LYS A 77 21.37 -15.79 -23.90
CA LYS A 77 22.24 -16.94 -23.80
C LYS A 77 23.65 -16.63 -23.30
N ALA A 78 24.38 -15.82 -24.05
CA ALA A 78 25.73 -15.47 -23.67
C ALA A 78 25.77 -14.95 -22.24
N SER A 79 24.89 -14.02 -21.90
CA SER A 79 24.83 -13.46 -20.55
C SER A 79 24.57 -14.52 -19.49
N LEU A 80 23.57 -15.37 -19.72
CA LEU A 80 23.20 -16.42 -18.78
C LEU A 80 24.42 -17.24 -18.44
N VAL A 81 25.25 -17.50 -19.45
CA VAL A 81 26.47 -18.29 -19.25
C VAL A 81 27.46 -17.59 -18.33
N LYS A 82 27.74 -16.31 -18.61
CA LYS A 82 28.65 -15.51 -17.81
C LYS A 82 28.15 -15.40 -16.37
N LEU A 83 26.83 -15.27 -16.22
CA LEU A 83 26.21 -15.13 -14.91
C LEU A 83 26.43 -16.36 -14.05
N ILE A 84 26.38 -17.53 -14.67
CA ILE A 84 26.59 -18.77 -13.95
C ILE A 84 28.07 -19.00 -13.63
N LYS A 85 28.95 -18.54 -14.53
CA LYS A 85 30.38 -18.69 -14.32
C LYS A 85 30.94 -17.57 -13.44
N THR A 86 30.19 -16.48 -13.31
CA THR A 86 30.61 -15.34 -12.49
C THR A 86 30.36 -15.61 -11.01
N SER A 87 29.15 -15.32 -10.54
CA SER A 87 28.79 -15.53 -9.13
C SER A 87 29.23 -16.91 -8.65
N PRO A 88 29.96 -16.96 -7.52
CA PRO A 88 30.47 -18.20 -6.91
C PRO A 88 29.38 -19.17 -6.48
N GLU A 89 28.19 -18.65 -6.19
CA GLU A 89 27.08 -19.48 -5.76
C GLU A 89 26.75 -20.48 -6.85
N LEU A 90 26.67 -20.01 -8.09
CA LEU A 90 26.35 -20.87 -9.23
C LEU A 90 27.50 -21.81 -9.54
N THR A 93 27.83 -25.04 -8.18
CA THR A 93 26.73 -25.91 -7.78
C THR A 93 25.72 -26.08 -8.91
N CYS A 94 26.08 -25.62 -10.10
CA CYS A 94 25.16 -25.74 -11.22
C CYS A 94 25.38 -27.05 -11.97
N THR A 95 24.65 -28.05 -11.53
CA THR A 95 24.69 -29.38 -12.10
C THR A 95 23.56 -29.46 -13.13
N TRP A 96 22.63 -28.51 -13.02
CA TRP A 96 21.49 -28.45 -13.91
C TRP A 96 21.70 -27.58 -15.14
N PHE A 97 22.90 -27.02 -15.29
CA PHE A 97 23.17 -26.19 -16.45
C PHE A 97 24.19 -26.77 -17.43
N PRO A 98 23.75 -27.04 -18.67
CA PRO A 98 24.67 -27.59 -19.67
C PRO A 98 25.99 -26.83 -19.72
N GLU A 99 27.08 -27.57 -19.89
CA GLU A 99 28.39 -26.97 -19.98
C GLU A 99 28.35 -26.07 -21.21
N SER A 100 28.64 -24.78 -21.03
CA SER A 100 28.57 -23.84 -22.14
C SER A 100 29.74 -22.88 -22.25
N TYR A 101 29.97 -22.38 -23.47
CA TYR A 101 31.07 -21.46 -23.75
C TYR A 101 30.62 -20.40 -24.75
N VAL A 102 31.03 -19.16 -24.51
CA VAL A 102 30.66 -18.05 -25.38
C VAL A 102 31.75 -17.89 -26.43
N ILE A 103 31.37 -17.83 -27.70
CA ILE A 103 32.34 -17.68 -28.76
C ILE A 103 32.08 -16.43 -29.57
N TYR A 104 33.04 -15.52 -29.59
CA TYR A 104 32.88 -14.29 -30.36
C TYR A 104 33.49 -14.54 -31.73
N PRO A 105 32.72 -14.26 -32.79
CA PRO A 105 33.20 -14.46 -34.16
C PRO A 105 34.54 -13.75 -34.38
N THR A 106 34.51 -12.42 -34.41
CA THR A 106 35.71 -11.62 -34.61
C THR A 106 36.53 -12.14 -35.78
N ASP A 129 36.58 -14.05 -25.77
CA ASP A 129 35.69 -15.20 -25.80
C ASP A 129 36.25 -16.39 -25.01
N GLU A 130 35.58 -17.54 -25.07
CA GLU A 130 36.04 -18.73 -24.34
C GLU A 130 36.26 -19.93 -25.28
N ARG A 131 36.60 -19.68 -26.55
CA ARG A 131 36.80 -20.77 -27.48
C ARG A 131 38.04 -21.59 -27.13
N GLU A 132 38.91 -21.02 -26.30
CA GLU A 132 40.13 -21.71 -25.88
C GLU A 132 39.79 -22.71 -24.78
N GLU A 133 38.92 -22.32 -23.86
CA GLU A 133 38.51 -23.22 -22.79
C GLU A 133 37.59 -24.27 -23.39
N PHE A 134 36.85 -23.89 -24.44
CA PHE A 134 35.96 -24.81 -25.12
C PHE A 134 36.78 -25.92 -25.73
N ARG A 135 37.73 -25.55 -26.59
CA ARG A 135 38.58 -26.55 -27.22
C ARG A 135 39.17 -27.50 -26.18
N SER A 136 39.61 -26.96 -25.05
CA SER A 136 40.18 -27.77 -23.97
C SER A 136 39.17 -28.77 -23.46
N SER A 137 37.93 -28.33 -23.28
CA SER A 137 36.86 -29.21 -22.81
C SER A 137 36.56 -30.29 -23.85
N PHE A 138 36.53 -29.85 -25.11
CA PHE A 138 36.26 -30.70 -26.25
C PHE A 138 37.30 -31.78 -26.42
N ASN A 139 38.57 -31.40 -26.36
CA ASN A 139 39.66 -32.35 -26.52
C ASN A 139 39.76 -33.28 -25.34
N LYS A 140 39.48 -32.76 -24.14
CA LYS A 140 39.53 -33.60 -22.95
C LYS A 140 38.55 -34.77 -23.14
N LYS A 141 37.31 -34.44 -23.51
CA LYS A 141 36.28 -35.46 -23.74
C LYS A 141 36.66 -36.41 -24.88
N LYS A 142 37.32 -35.89 -25.90
CA LYS A 142 37.73 -36.69 -27.04
C LYS A 142 38.73 -37.77 -26.65
N GLU A 143 39.64 -37.43 -25.75
CA GLU A 143 40.65 -38.37 -25.29
C GLU A 143 40.07 -39.38 -24.31
N ASN A 144 39.10 -38.94 -23.51
CA ASN A 144 38.46 -39.81 -22.54
C ASN A 144 37.39 -40.63 -23.24
N GLU A 145 37.20 -40.32 -24.53
CA GLU A 145 36.21 -41.00 -25.34
C GLU A 145 34.84 -41.05 -24.69
N GLU A 146 34.21 -39.89 -24.60
CA GLU A 146 32.88 -39.79 -24.03
C GLU A 146 32.06 -38.95 -24.99
N GLY A 147 30.76 -38.81 -24.71
CA GLY A 147 29.90 -38.01 -25.56
C GLY A 147 30.53 -36.65 -25.81
N ASN A 148 30.68 -36.28 -27.07
CA ASN A 148 31.29 -35.01 -27.41
C ASN A 148 30.52 -34.25 -28.50
N VAL A 149 29.19 -34.32 -28.41
CA VAL A 149 28.30 -33.64 -29.32
C VAL A 149 27.88 -32.32 -28.70
N TRP A 150 28.10 -31.23 -29.42
CA TRP A 150 27.74 -29.90 -28.93
C TRP A 150 26.71 -29.24 -29.85
N ILE A 151 26.14 -28.13 -29.40
CA ILE A 151 25.18 -27.37 -30.21
C ILE A 151 25.49 -25.90 -30.15
N ALA A 152 25.66 -25.29 -31.31
CA ALA A 152 25.95 -23.86 -31.37
C ALA A 152 24.67 -23.07 -31.62
N LYS A 153 24.35 -22.17 -30.68
CA LYS A 153 23.16 -21.31 -30.79
C LYS A 153 23.50 -19.81 -30.78
N SER A 154 22.56 -19.01 -31.28
CA SER A 154 22.71 -17.56 -31.33
C SER A 154 22.10 -16.96 -30.07
N SER A 155 22.80 -16.00 -29.47
CA SER A 155 22.33 -15.35 -28.25
C SER A 155 20.93 -14.74 -28.37
N SER A 156 20.64 -14.11 -29.52
CA SER A 156 19.32 -13.52 -29.76
C SER A 156 18.92 -13.71 -31.22
N GLY A 162 19.22 -20.01 -36.45
CA GLY A 162 20.05 -21.02 -37.09
C GLY A 162 20.99 -21.70 -36.12
N ILE A 163 20.70 -22.96 -35.81
CA ILE A 163 21.51 -23.72 -34.87
C ILE A 163 22.27 -24.90 -35.50
N LEU A 164 23.45 -25.19 -34.97
CA LEU A 164 24.28 -26.31 -35.45
C LEU A 164 24.55 -27.32 -34.33
N ILE A 165 24.42 -28.61 -34.64
CA ILE A 165 24.66 -29.67 -33.66
C ILE A 165 25.68 -30.66 -34.22
N SER A 166 26.92 -30.59 -33.73
CA SER A 166 27.93 -31.50 -34.24
C SER A 166 28.96 -31.95 -33.20
N SER A 167 29.86 -32.82 -33.68
CA SER A 167 30.94 -33.38 -32.86
C SER A 167 32.28 -32.79 -33.30
N ASP A 168 32.27 -32.05 -34.41
CA ASP A 168 33.51 -31.45 -34.91
C ASP A 168 33.65 -30.04 -34.39
N ALA A 169 34.64 -29.83 -33.52
CA ALA A 169 34.87 -28.50 -32.96
C ALA A 169 35.17 -27.50 -34.05
N THR A 170 36.32 -27.66 -34.70
CA THR A 170 36.75 -26.77 -35.78
C THR A 170 35.55 -26.40 -36.65
N GLU A 171 34.68 -27.38 -36.93
CA GLU A 171 33.49 -27.13 -37.74
C GLU A 171 32.51 -26.21 -37.02
N LEU A 172 32.23 -26.50 -35.75
CA LEU A 172 31.32 -25.66 -34.97
C LEU A 172 31.82 -24.22 -34.97
N LEU A 173 33.10 -24.06 -34.62
CA LEU A 173 33.71 -22.73 -34.60
C LEU A 173 33.51 -22.02 -35.94
N ASP A 174 33.65 -22.75 -37.05
CA ASP A 174 33.44 -22.13 -38.36
C ASP A 174 32.07 -21.49 -38.36
N PHE A 175 31.04 -22.33 -38.25
CA PHE A 175 29.65 -21.87 -38.19
C PHE A 175 29.53 -20.54 -37.46
N ILE A 176 30.21 -20.41 -36.32
CA ILE A 176 30.18 -19.20 -35.50
C ILE A 176 30.78 -18.01 -36.26
N ASP A 177 32.01 -18.19 -36.75
CA ASP A 177 32.72 -17.16 -37.50
C ASP A 177 31.97 -16.83 -38.80
N ASN A 178 31.48 -17.86 -39.49
CA ASN A 178 30.72 -17.71 -40.74
C ASN A 178 29.65 -16.62 -40.61
N GLN A 179 28.87 -16.66 -39.54
CA GLN A 179 27.83 -15.65 -39.32
C GLN A 179 28.01 -14.95 -37.98
N GLY A 180 28.70 -13.81 -38.01
CA GLY A 180 28.92 -13.05 -36.80
C GLY A 180 27.63 -12.73 -36.07
N GLN A 181 27.56 -13.13 -34.81
CA GLN A 181 26.38 -12.90 -33.97
C GLN A 181 26.59 -13.50 -32.59
N VAL A 182 27.83 -13.46 -32.10
CA VAL A 182 28.19 -14.01 -30.79
C VAL A 182 27.30 -15.18 -30.41
N HIS A 183 27.75 -16.39 -30.75
CA HIS A 183 26.98 -17.59 -30.43
C HIS A 183 27.48 -18.20 -29.13
N VAL A 184 26.81 -19.26 -28.71
CA VAL A 184 27.19 -19.97 -27.49
C VAL A 184 27.31 -21.44 -27.87
N ILE A 185 28.40 -22.10 -27.48
CA ILE A 185 28.54 -23.52 -27.78
C ILE A 185 28.15 -24.26 -26.52
N GLN A 186 27.07 -25.01 -26.59
CA GLN A 186 26.59 -25.72 -25.43
C GLN A 186 26.63 -27.22 -25.57
N LYS A 187 26.89 -27.91 -24.46
CA LYS A 187 26.92 -29.37 -24.50
C LYS A 187 25.53 -29.89 -24.81
N TYR A 188 25.46 -30.67 -25.89
CA TYR A 188 24.18 -31.23 -26.33
C TYR A 188 23.79 -32.45 -25.52
N LEU A 189 22.51 -32.53 -25.13
CA LEU A 189 21.98 -33.66 -24.37
C LEU A 189 21.70 -34.85 -25.28
N GLU A 190 22.65 -35.77 -25.31
CA GLU A 190 22.57 -36.96 -26.15
C GLU A 190 21.62 -38.03 -25.59
N SER A 191 21.31 -37.94 -24.30
CA SER A 191 20.44 -38.90 -23.65
C SER A 191 19.16 -38.24 -23.12
N PRO A 192 18.29 -37.76 -24.02
CA PRO A 192 17.04 -37.10 -23.66
C PRO A 192 15.85 -38.00 -23.41
N LEU A 193 15.05 -37.64 -22.42
CA LEU A 193 13.85 -38.38 -22.10
C LEU A 193 12.90 -38.17 -23.27
N LEU A 194 12.48 -39.25 -23.92
CA LEU A 194 11.58 -39.17 -25.06
C LEU A 194 10.16 -39.48 -24.63
N LEU A 195 9.21 -39.21 -25.52
CA LEU A 195 7.79 -39.47 -25.24
C LEU A 195 7.19 -40.48 -26.21
N GLU A 196 5.88 -40.66 -26.12
CA GLU A 196 5.19 -41.59 -26.99
C GLU A 196 3.68 -41.53 -26.67
N PRO A 197 2.83 -41.92 -27.64
CA PRO A 197 3.14 -42.40 -28.98
C PRO A 197 3.93 -41.40 -29.84
N GLY A 198 4.64 -41.92 -30.83
CA GLY A 198 5.39 -41.09 -31.71
C GLY A 198 6.85 -40.93 -31.37
N HIS A 199 7.26 -41.39 -30.18
CA HIS A 199 8.65 -41.28 -29.71
C HIS A 199 9.26 -39.96 -30.18
N ARG A 200 8.82 -38.87 -29.55
CA ARG A 200 9.29 -37.54 -29.90
C ARG A 200 9.98 -36.83 -28.72
N LYS A 201 10.90 -35.94 -29.05
CA LYS A 201 11.63 -35.17 -28.07
C LYS A 201 10.75 -33.99 -27.66
N PHE A 202 11.00 -33.45 -26.47
CA PHE A 202 10.22 -32.31 -25.98
C PHE A 202 11.05 -31.41 -25.07
N ASP A 203 10.39 -30.41 -24.51
CA ASP A 203 11.00 -29.46 -23.60
C ASP A 203 9.87 -28.80 -22.82
N ILE A 204 10.08 -28.53 -21.55
CA ILE A 204 9.05 -27.91 -20.73
C ILE A 204 9.29 -26.41 -20.64
N ARG A 205 8.22 -25.64 -20.39
CA ARG A 205 8.33 -24.20 -20.24
C ARG A 205 7.39 -23.68 -19.16
N SER A 206 7.98 -23.23 -18.05
CA SER A 206 7.23 -22.67 -16.95
C SER A 206 7.12 -21.14 -17.09
N TRP A 207 6.18 -20.57 -16.34
CA TRP A 207 5.94 -19.12 -16.32
C TRP A 207 6.13 -18.66 -14.90
N VAL A 208 7.15 -17.84 -14.67
CA VAL A 208 7.46 -17.32 -13.34
C VAL A 208 7.22 -15.81 -13.28
N LEU A 209 6.49 -15.39 -12.25
CA LEU A 209 6.16 -13.97 -12.04
C LEU A 209 6.89 -13.40 -10.83
N VAL A 210 7.71 -12.39 -11.08
CA VAL A 210 8.46 -11.74 -10.02
C VAL A 210 7.83 -10.37 -9.83
N ASP A 211 7.25 -10.14 -8.67
CA ASP A 211 6.60 -8.87 -8.40
C ASP A 211 7.56 -7.79 -7.91
N ASN A 212 6.98 -6.65 -7.54
CA ASN A 212 7.75 -5.50 -7.10
C ASN A 212 8.52 -5.63 -5.79
N GLN A 213 8.12 -6.55 -4.92
CA GLN A 213 8.81 -6.78 -3.65
C GLN A 213 9.79 -7.94 -3.81
N TYR A 214 9.81 -8.50 -5.01
CA TYR A 214 10.65 -9.61 -5.41
C TYR A 214 10.17 -10.96 -4.91
N ASN A 215 8.85 -11.12 -4.86
CA ASN A 215 8.27 -12.40 -4.48
C ASN A 215 8.25 -13.17 -5.79
N ILE A 216 8.54 -14.45 -5.73
CA ILE A 216 8.58 -15.30 -6.92
C ILE A 216 7.36 -16.22 -6.92
N TYR A 217 6.66 -16.26 -8.05
CA TYR A 217 5.45 -17.06 -8.19
C TYR A 217 5.49 -17.88 -9.46
N LEU A 218 5.28 -19.20 -9.31
CA LEU A 218 5.26 -20.07 -10.47
C LEU A 218 3.82 -20.51 -10.77
N TYR A 219 3.38 -20.17 -11.98
CA TYR A 219 2.06 -20.56 -12.46
C TYR A 219 2.02 -22.10 -12.39
N ARG A 220 0.96 -22.66 -11.81
CA ARG A 220 0.82 -24.11 -11.64
C ARG A 220 0.82 -24.89 -12.95
N GLU A 221 0.78 -24.19 -14.08
CA GLU A 221 0.76 -24.88 -15.36
C GLU A 221 1.91 -24.60 -16.31
N GLY A 222 2.44 -25.66 -16.90
CA GLY A 222 3.50 -25.52 -17.86
C GLY A 222 3.00 -25.91 -19.23
N VAL A 223 3.90 -26.05 -20.18
CA VAL A 223 3.51 -26.46 -21.52
C VAL A 223 4.73 -27.12 -22.18
N LEU A 224 4.49 -28.21 -22.89
CA LEU A 224 5.58 -28.93 -23.56
C LEU A 224 5.56 -28.68 -25.06
N ARG A 225 6.73 -28.68 -25.67
CA ARG A 225 6.84 -28.47 -27.10
C ARG A 225 7.37 -29.72 -27.78
N THR A 226 6.55 -30.77 -27.79
CA THR A 226 6.92 -32.03 -28.41
C THR A 226 7.29 -31.81 -29.87
N SER A 227 8.11 -32.71 -30.41
CA SER A 227 8.57 -32.61 -31.79
C SER A 227 7.72 -33.41 -32.78
N SER A 228 7.69 -32.96 -34.03
CA SER A 228 6.93 -33.62 -35.08
C SER A 228 7.57 -34.99 -35.31
N GLU A 229 8.65 -35.01 -36.08
CA GLU A 229 9.36 -36.25 -36.38
C GLU A 229 9.78 -36.94 -35.08
N PRO A 230 9.80 -38.28 -35.08
CA PRO A 230 10.19 -38.97 -33.83
C PRO A 230 11.69 -38.85 -33.61
N TYR A 231 12.19 -39.34 -32.49
CA TYR A 231 13.61 -39.24 -32.18
C TYR A 231 14.43 -40.24 -32.96
N ASN A 263 3.29 -30.32 -31.38
CA ASN A 263 1.88 -30.61 -31.17
C ASN A 263 1.33 -29.86 -29.95
N GLU A 264 2.24 -29.48 -29.05
CA GLU A 264 1.86 -28.75 -27.83
C GLU A 264 1.05 -29.66 -26.90
N MET A 265 1.65 -29.97 -25.75
CA MET A 265 1.02 -30.84 -24.75
C MET A 265 1.04 -30.16 -23.39
N PHE A 266 -0.04 -30.29 -22.63
CA PHE A 266 -0.15 -29.67 -21.32
C PHE A 266 0.14 -30.61 -20.15
N PHE A 267 0.15 -30.05 -18.94
CA PHE A 267 0.41 -30.82 -17.73
C PHE A 267 -0.71 -31.81 -17.45
N GLU A 268 -1.85 -31.62 -18.12
CA GLU A 268 -3.03 -32.48 -17.95
C GLU A 268 -2.66 -33.93 -18.23
N GLU A 269 -2.30 -34.23 -19.47
CA GLU A 269 -1.93 -35.58 -19.86
C GLU A 269 -0.53 -35.93 -19.36
N PHE A 270 0.47 -35.13 -19.71
CA PHE A 270 1.85 -35.34 -19.27
C PHE A 270 1.96 -35.79 -17.80
N ASN A 271 1.00 -35.40 -16.96
CA ASN A 271 1.03 -35.81 -15.55
C ASN A 271 0.72 -37.30 -15.49
N GLN A 272 0.17 -37.81 -16.58
CA GLN A 272 -0.19 -39.22 -16.72
C GLN A 272 0.98 -40.05 -17.26
N TYR A 273 1.57 -39.58 -18.36
CA TYR A 273 2.68 -40.30 -18.99
C TYR A 273 3.82 -40.53 -17.99
N LEU A 274 3.74 -39.88 -16.83
CA LEU A 274 4.78 -40.02 -15.82
C LEU A 274 4.43 -41.17 -14.88
N VAL A 275 3.16 -41.59 -14.92
CA VAL A 275 2.70 -42.68 -14.07
C VAL A 275 2.26 -43.88 -14.92
N THR A 276 1.50 -43.61 -15.98
CA THR A 276 1.01 -44.67 -16.87
C THR A 276 2.07 -45.05 -17.89
N SER A 277 3.33 -45.06 -17.48
CA SER A 277 4.44 -45.41 -18.35
C SER A 277 5.78 -45.21 -17.66
N LEU A 278 5.75 -44.80 -16.40
CA LEU A 278 6.97 -44.57 -15.62
C LEU A 278 6.77 -44.86 -14.14
N ASN A 279 7.76 -44.51 -13.33
CA ASN A 279 7.71 -44.74 -11.89
C ASN A 279 7.10 -43.59 -11.09
N ILE A 280 7.89 -42.54 -10.87
CA ILE A 280 7.48 -41.37 -10.09
C ILE A 280 6.41 -40.49 -10.75
N ASN A 281 6.08 -39.39 -10.10
CA ASN A 281 5.06 -38.45 -10.59
C ASN A 281 5.62 -37.11 -11.07
N LEU A 282 4.78 -36.37 -11.81
CA LEU A 282 5.11 -35.05 -12.37
C LEU A 282 5.82 -34.13 -11.36
N GLU A 283 5.39 -34.21 -10.11
CA GLU A 283 5.93 -33.40 -9.01
C GLU A 283 7.20 -34.00 -8.42
N ASN A 284 7.12 -35.26 -8.00
CA ASN A 284 8.23 -35.98 -7.38
C ASN A 284 9.51 -36.13 -8.21
N SER A 285 9.57 -35.50 -9.37
CA SER A 285 10.77 -35.60 -10.18
C SER A 285 11.13 -34.26 -10.84
N ILE A 286 10.33 -33.86 -11.82
CA ILE A 286 10.55 -32.63 -12.56
C ILE A 286 10.18 -31.37 -11.78
N LEU A 287 8.89 -31.08 -11.64
CA LEU A 287 8.40 -29.91 -10.90
C LEU A 287 9.19 -29.60 -9.60
N CYS A 288 9.86 -30.60 -9.04
CA CYS A 288 10.64 -30.41 -7.83
C CYS A 288 11.93 -29.65 -8.11
N GLN A 289 12.73 -30.17 -9.03
CA GLN A 289 14.01 -29.57 -9.40
C GLN A 289 13.85 -28.22 -10.14
N ILE A 290 12.76 -28.11 -10.89
CA ILE A 290 12.48 -26.88 -11.61
C ILE A 290 12.44 -25.71 -10.64
N LYS A 291 11.82 -25.91 -9.47
CA LYS A 291 11.72 -24.85 -8.47
C LYS A 291 13.05 -24.39 -7.95
N GLU A 292 13.94 -25.35 -7.74
CA GLU A 292 15.27 -25.06 -7.25
C GLU A 292 16.04 -24.14 -8.23
N ILE A 293 16.04 -24.50 -9.52
CA ILE A 293 16.71 -23.72 -10.57
C ILE A 293 16.16 -22.30 -10.65
N ILE A 294 14.84 -22.18 -10.73
CA ILE A 294 14.20 -20.88 -10.77
C ILE A 294 14.71 -20.03 -9.61
N ARG A 295 14.50 -20.53 -8.40
CA ARG A 295 14.94 -19.87 -7.16
C ARG A 295 16.36 -19.34 -7.18
N VAL A 296 17.32 -20.21 -7.52
CA VAL A 296 18.73 -19.81 -7.55
C VAL A 296 19.04 -18.82 -8.67
N CYS A 297 18.46 -19.05 -9.85
CA CYS A 297 18.68 -18.15 -10.97
C CYS A 297 18.22 -16.72 -10.64
N LEU A 298 17.00 -16.58 -10.15
CA LEU A 298 16.47 -15.27 -9.80
C LEU A 298 17.13 -14.69 -8.55
N SER A 299 17.61 -15.55 -7.65
CA SER A 299 18.28 -15.08 -6.44
C SER A 299 19.66 -14.51 -6.76
N CYS A 300 20.31 -15.08 -7.76
CA CYS A 300 21.63 -14.62 -8.18
C CYS A 300 21.50 -13.35 -9.01
N LEU A 301 20.32 -13.12 -9.54
CA LEU A 301 20.10 -11.94 -10.36
C LEU A 301 19.64 -10.74 -9.54
N GLU A 302 18.89 -11.00 -8.47
CA GLU A 302 18.35 -9.92 -7.64
C GLU A 302 19.28 -8.75 -7.39
N PRO A 303 20.47 -9.01 -6.83
CA PRO A 303 21.39 -7.90 -6.56
C PRO A 303 21.55 -6.91 -7.72
N ALA A 304 21.61 -7.41 -8.94
CA ALA A 304 21.81 -6.56 -10.11
C ALA A 304 20.57 -5.89 -10.71
N ILE A 305 19.37 -6.19 -10.22
CA ILE A 305 18.18 -5.55 -10.78
C ILE A 305 17.18 -5.09 -9.71
N SER A 306 17.56 -5.24 -8.45
CA SER A 306 16.66 -4.83 -7.37
C SER A 306 16.33 -3.36 -7.56
N THR A 307 15.06 -3.00 -7.40
CA THR A 307 14.63 -1.61 -7.57
C THR A 307 14.55 -0.88 -6.24
N LYS A 308 15.05 -1.53 -5.18
CA LYS A 308 15.04 -0.97 -3.84
C LYS A 308 15.39 0.51 -3.76
N TYR A 309 16.35 0.97 -4.59
CA TYR A 309 16.74 2.38 -4.58
C TYR A 309 16.41 3.11 -5.87
N LEU A 310 15.42 2.60 -6.61
CA LEU A 310 15.02 3.26 -7.85
C LEU A 310 13.70 3.99 -7.57
N PRO A 311 13.40 5.06 -8.32
CA PRO A 311 12.18 5.85 -8.15
C PRO A 311 10.95 5.27 -8.85
N TYR A 312 10.88 3.96 -9.03
CA TYR A 312 9.71 3.36 -9.67
C TYR A 312 9.60 1.89 -9.34
N HIS A 313 8.43 1.30 -9.59
CA HIS A 313 8.25 -0.12 -9.31
C HIS A 313 8.36 -0.94 -10.57
N SER A 314 8.71 -2.21 -10.37
CA SER A 314 8.93 -3.13 -11.46
C SER A 314 8.47 -4.57 -11.15
N PHE A 315 7.93 -5.24 -12.18
CA PHE A 315 7.54 -6.64 -12.04
C PHE A 315 7.84 -7.28 -13.39
N GLN A 316 7.95 -8.60 -13.45
CA GLN A 316 8.22 -9.24 -14.73
C GLN A 316 7.83 -10.71 -14.83
N LEU A 317 7.38 -11.09 -16.01
CA LEU A 317 7.01 -12.48 -16.29
C LEU A 317 8.13 -13.16 -17.09
N PHE A 318 8.63 -14.27 -16.59
CA PHE A 318 9.69 -14.99 -17.29
C PHE A 318 9.17 -16.35 -17.69
N GLY A 319 9.74 -16.87 -18.78
CA GLY A 319 9.38 -18.18 -19.28
C GLY A 319 10.61 -19.08 -19.26
N PHE A 320 10.70 -19.94 -18.26
CA PHE A 320 11.85 -20.85 -18.13
C PHE A 320 11.71 -22.08 -19.05
N ASP A 321 12.78 -22.41 -19.77
CA ASP A 321 12.78 -23.57 -20.68
C ASP A 321 13.67 -24.68 -20.15
N PHE A 322 13.06 -25.82 -19.85
CA PHE A 322 13.78 -26.96 -19.32
C PHE A 322 13.77 -28.19 -20.23
N MET A 323 14.62 -29.14 -19.87
CA MET A 323 14.72 -30.39 -20.58
C MET A 323 14.98 -31.48 -19.58
N VAL A 324 14.54 -32.68 -19.90
CA VAL A 324 14.73 -33.83 -19.03
C VAL A 324 15.46 -34.88 -19.84
N ASP A 325 16.40 -35.57 -19.19
CA ASP A 325 17.16 -36.62 -19.88
C ASP A 325 16.62 -38.00 -19.50
N LYS A 326 17.39 -39.04 -19.83
CA LYS A 326 17.01 -40.42 -19.55
C LYS A 326 16.78 -40.69 -18.07
N ASN A 327 17.70 -40.19 -17.23
CA ASN A 327 17.60 -40.37 -15.79
C ASN A 327 16.67 -39.35 -15.15
N LEU A 328 15.72 -38.85 -15.94
CA LEU A 328 14.77 -37.86 -15.45
C LEU A 328 15.38 -36.61 -14.84
N LYS A 329 16.63 -36.30 -15.20
CA LYS A 329 17.28 -35.11 -14.66
C LYS A 329 16.87 -33.89 -15.47
N VAL A 330 16.58 -32.79 -14.78
CA VAL A 330 16.18 -31.56 -15.46
C VAL A 330 17.30 -30.55 -15.66
N TRP A 331 17.49 -30.15 -16.91
CA TRP A 331 18.51 -29.17 -17.25
C TRP A 331 17.86 -27.85 -17.69
N LEU A 332 18.50 -26.74 -17.35
CA LEU A 332 17.99 -25.43 -17.76
C LEU A 332 18.67 -25.14 -19.09
N ILE A 333 17.88 -24.69 -20.06
CA ILE A 333 18.45 -24.33 -21.36
C ILE A 333 18.27 -22.87 -21.71
N GLU A 334 17.18 -22.26 -21.25
CA GLU A 334 16.94 -20.85 -21.56
C GLU A 334 15.87 -20.23 -20.68
N VAL A 335 15.94 -18.91 -20.57
CA VAL A 335 14.93 -18.16 -19.84
C VAL A 335 14.55 -17.04 -20.79
N ASN A 336 13.26 -16.96 -21.10
CA ASN A 336 12.73 -15.96 -22.02
C ASN A 336 12.09 -14.81 -21.22
N GLY A 337 12.48 -13.57 -21.52
CA GLY A 337 11.95 -12.41 -20.82
C GLY A 337 10.61 -11.83 -21.29
N ALA A 338 10.19 -12.19 -22.50
CA ALA A 338 8.92 -11.71 -23.07
C ALA A 338 8.19 -12.91 -23.65
N PRO A 339 7.79 -13.84 -22.78
CA PRO A 339 7.09 -15.03 -23.24
C PRO A 339 5.61 -14.85 -23.51
N ALA A 340 5.14 -15.51 -24.56
CA ALA A 340 3.72 -15.49 -24.88
C ALA A 340 3.21 -16.72 -24.14
N CYS A 341 1.94 -17.07 -24.28
CA CYS A 341 1.39 -18.23 -23.59
C CYS A 341 0.48 -19.03 -24.52
N ALA A 342 -0.03 -20.15 -24.02
CA ALA A 342 -0.93 -20.98 -24.81
C ALA A 342 -2.28 -20.26 -24.91
N GLN A 343 -2.91 -20.32 -26.08
CA GLN A 343 -4.20 -19.66 -26.29
C GLN A 343 -5.21 -20.05 -25.23
N LYS A 344 -4.98 -21.18 -24.58
CA LYS A 344 -5.88 -21.69 -23.54
C LYS A 344 -5.64 -21.03 -22.18
N LEU A 345 -4.40 -21.05 -21.73
CA LEU A 345 -4.03 -20.51 -20.43
C LEU A 345 -3.98 -18.98 -20.32
N TYR A 346 -3.88 -18.30 -21.46
CA TYR A 346 -3.84 -16.84 -21.51
C TYR A 346 -4.81 -16.11 -20.56
N ALA A 347 -5.80 -16.82 -20.03
CA ALA A 347 -6.77 -16.19 -19.14
C ALA A 347 -6.42 -16.32 -17.66
N GLU A 348 -6.38 -17.55 -17.15
CA GLU A 348 -6.05 -17.77 -15.73
C GLU A 348 -4.68 -17.18 -15.39
N LEU A 349 -3.86 -16.95 -16.42
CA LEU A 349 -2.52 -16.40 -16.25
C LEU A 349 -2.58 -14.89 -16.06
N CYS A 350 -2.91 -14.18 -17.13
CA CYS A 350 -2.99 -12.74 -17.12
C CYS A 350 -3.79 -12.17 -15.95
N LYS A 351 -4.53 -13.04 -15.27
CA LYS A 351 -5.31 -12.60 -14.13
C LYS A 351 -4.50 -12.76 -12.86
N GLY A 352 -3.48 -13.61 -12.89
CA GLY A 352 -2.62 -13.81 -11.74
C GLY A 352 -1.63 -12.66 -11.68
N ILE A 353 -1.30 -12.18 -12.86
CA ILE A 353 -0.39 -11.06 -13.04
C ILE A 353 -1.07 -9.83 -12.41
N VAL A 354 -2.28 -9.51 -12.85
CA VAL A 354 -3.01 -8.35 -12.32
C VAL A 354 -3.21 -8.47 -10.81
N ASP A 355 -3.57 -9.66 -10.36
CA ASP A 355 -3.81 -9.92 -8.95
C ASP A 355 -2.55 -9.82 -8.09
N LEU A 356 -1.49 -10.50 -8.52
CA LEU A 356 -0.26 -10.54 -7.75
C LEU A 356 0.75 -9.40 -7.95
N ALA A 357 0.85 -8.87 -9.17
CA ALA A 357 1.83 -7.83 -9.44
C ALA A 357 1.30 -6.42 -9.70
N ILE A 358 0.04 -6.30 -10.12
CA ILE A 358 -0.51 -4.98 -10.36
C ILE A 358 -1.41 -4.47 -9.23
N SER A 359 -2.39 -5.27 -8.85
CA SER A 359 -3.32 -4.87 -7.80
C SER A 359 -2.65 -4.80 -6.44
N SER A 360 -1.55 -5.53 -6.31
CA SER A 360 -0.82 -5.55 -5.04
C SER A 360 -0.25 -4.16 -4.77
N VAL A 361 -0.03 -3.42 -5.85
CA VAL A 361 0.50 -2.05 -5.77
C VAL A 361 -0.61 -1.01 -5.89
N PHE A 362 -1.56 -1.23 -6.79
CA PHE A 362 -2.69 -0.32 -6.97
C PHE A 362 -3.97 -1.03 -6.56
N PRO A 363 -4.34 -0.94 -5.27
CA PRO A 363 -5.54 -1.57 -4.70
C PRO A 363 -6.86 -1.22 -5.39
N LEU A 364 -7.82 -2.12 -5.30
CA LEU A 364 -9.13 -1.91 -5.89
C LEU A 364 -10.22 -1.99 -4.82
N ASN A 365 -11.46 -1.73 -5.23
CA ASN A 365 -12.59 -1.78 -4.31
C ASN A 365 -13.27 -3.14 -4.45
N ASN A 375 -2.94 -22.75 -4.34
CA ASN A 375 -3.80 -22.41 -5.47
C ASN A 375 -3.00 -22.01 -6.73
N VAL A 376 -3.72 -21.62 -7.80
CA VAL A 376 -3.14 -21.18 -9.10
C VAL A 376 -1.63 -20.84 -9.15
N PHE A 377 -1.11 -20.22 -8.10
CA PHE A 377 0.30 -19.86 -8.10
C PHE A 377 1.01 -20.45 -6.89
N ILE A 378 2.30 -20.71 -7.06
CA ILE A 378 3.10 -21.26 -5.99
C ILE A 378 4.18 -20.22 -5.74
N LYS A 379 4.42 -19.92 -4.48
CA LYS A 379 5.41 -18.92 -4.15
C LYS A 379 6.73 -19.55 -3.78
N LEU A 380 7.63 -19.61 -4.76
CA LEU A 380 8.94 -20.17 -4.53
C LEU A 380 9.66 -19.31 -3.50
N GLY B 1 11.02 0.86 -3.29
CA GLY B 1 11.92 1.90 -3.88
C GLY B 1 12.14 3.08 -2.97
N SER B 2 12.56 4.18 -3.57
CA SER B 2 12.83 5.43 -2.85
C SER B 2 12.29 6.55 -3.71
N PHE B 3 10.97 6.67 -3.71
CA PHE B 3 10.27 7.67 -4.50
C PHE B 3 10.09 9.00 -3.78
N THR B 4 9.76 10.04 -4.53
CA THR B 4 9.53 11.38 -3.97
C THR B 4 8.06 11.78 -4.07
N TYR B 5 7.43 11.95 -2.92
CA TYR B 5 6.03 12.34 -2.89
C TYR B 5 5.91 13.86 -2.85
N THR B 6 4.74 14.35 -3.26
CA THR B 6 4.49 15.80 -3.31
C THR B 6 3.35 16.25 -2.38
N PHE B 7 3.40 17.52 -1.96
CA PHE B 7 2.38 18.06 -1.08
C PHE B 7 2.25 19.56 -1.18
N VAL B 8 1.09 20.07 -0.78
CA VAL B 8 0.83 21.51 -0.81
C VAL B 8 0.33 21.88 0.57
N VAL B 9 0.58 23.12 0.97
CA VAL B 9 0.14 23.61 2.27
C VAL B 9 -0.87 24.72 2.01
N ARG B 10 -2.12 24.51 2.43
CA ARG B 10 -3.14 25.53 2.21
C ARG B 10 -3.44 26.29 3.50
N ASP B 11 -3.14 25.66 4.64
CA ASP B 11 -3.35 26.29 5.94
C ASP B 11 -1.99 26.71 6.54
N GLU B 12 -1.51 27.91 6.20
CA GLU B 12 -0.22 28.40 6.68
C GLU B 12 -0.22 28.73 8.17
N ASN B 13 -1.40 28.83 8.78
CA ASN B 13 -1.48 29.18 10.19
C ASN B 13 -1.63 27.99 11.16
N SER B 14 -1.51 26.78 10.64
CA SER B 14 -1.63 25.60 11.50
C SER B 14 -0.28 25.23 12.09
N THR B 15 -0.18 25.34 13.41
CA THR B 15 1.05 25.03 14.07
C THR B 15 1.26 23.53 14.13
N VAL B 16 0.17 22.76 14.03
CA VAL B 16 0.33 21.32 14.02
C VAL B 16 0.85 20.86 12.65
N TYR B 17 0.25 21.35 11.57
CA TYR B 17 0.68 20.93 10.24
C TYR B 17 1.89 21.65 9.66
N ALA B 18 2.38 22.65 10.38
CA ALA B 18 3.60 23.36 9.98
C ALA B 18 4.71 22.39 10.41
N GLU B 19 4.47 21.72 11.52
CA GLU B 19 5.42 20.75 12.04
C GLU B 19 5.40 19.49 11.16
N VAL B 20 4.21 19.07 10.72
CA VAL B 20 4.13 17.88 9.86
C VAL B 20 4.88 18.20 8.56
N ALA B 21 4.72 19.43 8.08
CA ALA B 21 5.42 19.84 6.87
C ALA B 21 6.94 19.88 7.09
N LYS B 22 7.40 20.27 8.28
CA LYS B 22 8.83 20.29 8.53
C LYS B 22 9.40 18.87 8.51
N ILE B 23 8.64 17.91 9.03
CA ILE B 23 9.10 16.54 9.05
C ILE B 23 9.15 15.97 7.65
N LEU B 24 8.01 16.01 6.96
CA LEU B 24 7.90 15.51 5.60
C LEU B 24 9.08 15.98 4.75
N LEU B 25 9.41 17.25 4.85
CA LEU B 25 10.49 17.85 4.10
C LEU B 25 11.84 17.37 4.59
N ALA B 26 11.96 17.17 5.89
CA ALA B 26 13.20 16.73 6.49
C ALA B 26 13.45 15.24 6.27
N SER B 27 12.62 14.59 5.46
CA SER B 27 12.80 13.15 5.20
C SER B 27 13.43 12.89 3.85
N GLY B 28 13.61 13.96 3.08
CA GLY B 28 14.20 13.85 1.75
C GLY B 28 13.31 13.17 0.71
N GLN B 29 12.12 12.74 1.14
CA GLN B 29 11.20 12.06 0.23
C GLN B 29 9.89 12.79 -0.03
N TRP B 30 9.83 14.05 0.36
CA TRP B 30 8.64 14.86 0.12
C TRP B 30 9.05 16.19 -0.48
N LYS B 31 8.19 16.71 -1.35
CA LYS B 31 8.43 17.97 -2.05
C LYS B 31 7.20 18.85 -1.98
N ARG B 32 7.39 20.11 -1.59
CA ARG B 32 6.30 21.06 -1.48
C ARG B 32 6.12 21.84 -2.77
N LEU B 33 4.90 21.79 -3.28
CA LEU B 33 4.56 22.51 -4.50
C LEU B 33 3.82 23.75 -4.06
N LYS B 34 3.57 24.66 -4.98
CA LYS B 34 2.85 25.86 -4.66
C LYS B 34 1.45 25.43 -4.27
N ARG B 35 0.79 26.26 -3.48
CA ARG B 35 -0.55 25.98 -2.98
C ARG B 35 -1.61 25.65 -4.04
N ASP B 36 -1.47 26.18 -5.25
CA ASP B 36 -2.46 25.92 -6.29
C ASP B 36 -2.07 24.80 -7.22
N ASN B 37 -0.94 24.16 -6.96
CA ASN B 37 -0.51 23.08 -7.82
C ASN B 37 -1.41 21.88 -7.59
N PRO B 38 -2.05 21.37 -8.66
CA PRO B 38 -2.97 20.22 -8.58
C PRO B 38 -2.30 18.85 -8.48
N LYS B 39 -1.01 18.78 -8.78
CA LYS B 39 -0.28 17.52 -8.74
C LYS B 39 0.34 17.06 -7.42
N PHE B 40 -0.41 17.18 -6.35
CA PHE B 40 0.09 16.78 -5.04
C PHE B 40 -0.45 15.41 -4.63
N ASN B 41 0.31 14.69 -3.79
CA ASN B 41 -0.15 13.41 -3.28
C ASN B 41 -0.95 13.72 -2.03
N LEU B 42 -0.42 14.66 -1.25
CA LEU B 42 -1.03 15.07 0.02
C LEU B 42 -1.36 16.55 0.12
N MET B 43 -2.53 16.84 0.64
CA MET B 43 -2.92 18.22 0.83
C MET B 43 -3.12 18.53 2.29
N LEU B 44 -2.46 19.57 2.78
CA LEU B 44 -2.64 20.01 4.16
C LEU B 44 -3.59 21.17 3.89
N GLY B 45 -4.89 20.91 4.06
CA GLY B 45 -5.87 21.92 3.74
C GLY B 45 -6.28 22.96 4.76
N GLU B 46 -7.08 23.90 4.27
CA GLU B 46 -7.60 24.98 5.09
C GLU B 46 -8.65 24.50 6.10
N ARG B 47 -8.72 25.19 7.23
CA ARG B 47 -9.65 24.87 8.32
C ARG B 47 -11.11 24.69 7.88
N ASN B 48 -11.60 25.63 7.06
CA ASN B 48 -12.97 25.52 6.55
C ASN B 48 -13.04 25.97 5.10
N ARG B 49 -14.04 25.44 4.38
CA ARG B 49 -14.25 25.75 2.97
C ARG B 49 -13.20 25.07 2.08
N LEU B 50 -12.68 23.94 2.54
CA LEU B 50 -11.69 23.19 1.78
C LEU B 50 -12.34 22.61 0.52
N PRO B 51 -11.69 22.76 -0.64
CA PRO B 51 -12.17 22.29 -1.95
C PRO B 51 -12.13 20.77 -2.20
N PHE B 52 -12.85 20.00 -1.41
CA PHE B 52 -12.89 18.55 -1.55
C PHE B 52 -13.27 18.13 -2.97
N GLY B 53 -14.01 19.00 -3.66
CA GLY B 53 -14.44 18.69 -5.02
C GLY B 53 -13.34 18.55 -6.05
N ARG B 54 -12.20 19.21 -5.80
CA ARG B 54 -11.07 19.16 -6.72
C ARG B 54 -10.28 17.86 -6.58
N LEU B 55 -10.46 17.20 -5.43
CA LEU B 55 -9.72 15.98 -5.16
C LEU B 55 -10.09 14.77 -6.00
N GLY B 56 -9.07 13.98 -6.33
CA GLY B 56 -9.24 12.77 -7.11
C GLY B 56 -9.45 12.88 -8.61
N HIS B 57 -9.27 14.07 -9.17
CA HIS B 57 -9.47 14.25 -10.60
C HIS B 57 -8.21 14.23 -11.43
N GLU B 58 -7.06 14.38 -10.80
CA GLU B 58 -5.80 14.35 -11.55
C GLU B 58 -5.53 12.90 -11.93
N PRO B 59 -5.38 12.62 -13.23
CA PRO B 59 -5.13 11.25 -13.70
C PRO B 59 -3.84 10.62 -13.20
N GLY B 60 -3.99 9.53 -12.44
CA GLY B 60 -2.84 8.83 -11.92
C GLY B 60 -2.42 9.21 -10.51
N LEU B 61 -3.02 10.26 -9.95
CA LEU B 61 -2.64 10.69 -8.61
C LEU B 61 -3.52 10.18 -7.49
N VAL B 62 -2.95 9.39 -6.58
CA VAL B 62 -3.68 8.92 -5.42
C VAL B 62 -3.49 10.08 -4.44
N GLN B 63 -4.59 10.67 -4.00
CA GLN B 63 -4.53 11.82 -3.10
C GLN B 63 -5.08 11.60 -1.70
N LEU B 64 -4.38 12.21 -0.75
CA LEU B 64 -4.72 12.16 0.67
C LEU B 64 -4.85 13.59 1.17
N VAL B 65 -5.91 13.88 1.93
CA VAL B 65 -6.14 15.22 2.48
C VAL B 65 -6.33 15.04 3.99
N ASN B 66 -5.82 16.00 4.77
CA ASN B 66 -5.88 15.92 6.24
C ASN B 66 -7.20 16.32 6.90
N TYR B 67 -8.31 16.15 6.19
CA TYR B 67 -9.63 16.44 6.73
C TYR B 67 -10.65 15.47 6.15
N TYR B 68 -11.61 15.04 6.94
CA TYR B 68 -12.68 14.17 6.45
C TYR B 68 -13.83 15.11 6.16
N ARG B 69 -14.28 15.16 4.91
CA ARG B 69 -15.41 16.02 4.55
C ARG B 69 -16.63 15.60 5.40
N GLY B 70 -17.34 16.58 5.95
CA GLY B 70 -18.51 16.30 6.75
C GLY B 70 -18.20 16.03 8.22
N ALA B 71 -16.92 16.06 8.58
CA ALA B 71 -16.56 15.82 9.97
C ALA B 71 -16.93 16.97 10.91
N ASP B 72 -17.28 18.12 10.35
CA ASP B 72 -17.68 19.26 11.18
C ASP B 72 -19.10 18.98 11.71
N LYS B 73 -19.70 17.88 11.26
CA LYS B 73 -21.02 17.44 11.70
C LYS B 73 -20.82 16.85 13.08
N LEU B 74 -19.70 17.19 13.69
CA LEU B 74 -19.35 16.67 15.01
C LEU B 74 -18.51 17.65 15.81
N CYS B 75 -17.88 18.60 15.12
CA CYS B 75 -17.01 19.57 15.80
C CYS B 75 -17.69 20.88 16.14
N ARG B 76 -18.75 21.21 15.43
CA ARG B 76 -19.45 22.44 15.73
C ARG B 76 -20.59 22.16 16.69
N LYS B 77 -20.54 22.83 17.84
CA LYS B 77 -21.51 22.72 18.93
C LYS B 77 -22.93 22.36 18.50
N ALA B 78 -23.59 23.27 17.82
CA ALA B 78 -24.96 23.04 17.38
C ALA B 78 -25.10 21.74 16.60
N SER B 79 -24.26 21.56 15.60
CA SER B 79 -24.29 20.38 14.76
C SER B 79 -24.14 19.08 15.53
N LEU B 80 -23.30 19.07 16.56
CA LEU B 80 -23.07 17.88 17.37
C LEU B 80 -24.34 17.48 18.10
N VAL B 81 -25.08 18.48 18.58
CA VAL B 81 -26.31 18.23 19.31
C VAL B 81 -27.36 17.53 18.44
N LYS B 82 -27.49 18.01 17.20
CA LYS B 82 -28.44 17.44 16.25
C LYS B 82 -28.05 16.01 15.89
N LEU B 83 -26.75 15.75 15.84
CA LEU B 83 -26.24 14.43 15.51
C LEU B 83 -26.79 13.44 16.51
N ILE B 84 -26.44 13.64 17.77
CA ILE B 84 -26.91 12.79 18.87
C ILE B 84 -28.43 12.69 18.82
N LYS B 85 -29.11 13.83 18.94
CA LYS B 85 -30.56 13.84 18.91
C LYS B 85 -31.16 13.11 17.70
N THR B 86 -30.38 13.00 16.62
CA THR B 86 -30.85 12.33 15.41
C THR B 86 -30.36 10.87 15.32
N SER B 87 -29.28 10.56 16.02
CA SER B 87 -28.71 9.20 15.99
C SER B 87 -29.47 8.22 16.90
N PRO B 88 -30.01 7.14 16.32
CA PRO B 88 -30.76 6.11 17.04
C PRO B 88 -30.02 5.55 18.25
N GLU B 89 -28.94 4.83 18.00
CA GLU B 89 -28.16 4.24 19.09
C GLU B 89 -27.21 5.27 19.67
N LEU B 90 -27.76 6.43 20.02
CA LEU B 90 -26.97 7.52 20.59
C LEU B 90 -27.85 8.51 21.35
N THR B 91 -29.03 8.79 20.82
CA THR B 91 -29.95 9.73 21.45
C THR B 91 -30.33 9.23 22.85
N GLU B 92 -29.99 7.97 23.12
CA GLU B 92 -30.28 7.37 24.42
C GLU B 92 -29.04 6.66 24.96
N THR B 93 -28.18 6.22 24.05
CA THR B 93 -26.95 5.52 24.42
C THR B 93 -25.83 6.52 24.76
N CYS B 94 -26.18 7.80 24.85
CA CYS B 94 -25.21 8.85 25.17
C CYS B 94 -25.64 9.58 26.45
N THR B 95 -25.19 9.07 27.58
CA THR B 95 -25.51 9.68 28.87
C THR B 95 -24.35 10.55 29.34
N TRP B 96 -23.25 10.51 28.58
CA TRP B 96 -22.06 11.29 28.90
C TRP B 96 -22.07 12.66 28.18
N PHE B 97 -23.19 13.01 27.56
CA PHE B 97 -23.30 14.29 26.87
C PHE B 97 -24.33 15.21 27.55
N PRO B 98 -23.90 16.39 28.00
CA PRO B 98 -24.82 17.33 28.65
C PRO B 98 -26.06 17.65 27.82
N GLU B 99 -27.22 17.58 28.48
CA GLU B 99 -28.50 17.87 27.85
C GLU B 99 -28.38 19.25 27.22
N SER B 100 -28.49 19.32 25.89
CA SER B 100 -28.35 20.57 25.17
C SER B 100 -29.51 20.88 24.21
N TYR B 101 -29.65 22.16 23.87
CA TYR B 101 -30.71 22.64 22.98
C TYR B 101 -30.17 23.74 22.08
N VAL B 102 -30.53 23.71 20.80
CA VAL B 102 -30.08 24.75 19.87
C VAL B 102 -31.17 25.80 19.75
N ILE B 103 -30.76 27.04 19.50
CA ILE B 103 -31.71 28.13 19.37
C ILE B 103 -31.14 29.11 18.37
N TYR B 104 -32.01 29.71 17.55
CA TYR B 104 -31.59 30.68 16.55
C TYR B 104 -31.96 32.09 17.01
N PRO B 105 -31.00 33.03 16.93
CA PRO B 105 -31.20 34.43 17.32
C PRO B 105 -32.44 35.02 16.68
N ASP B 129 -36.17 26.85 15.96
CA ASP B 129 -35.13 26.06 16.63
C ASP B 129 -35.73 24.99 17.53
N GLU B 130 -35.38 25.03 18.82
CA GLU B 130 -35.90 24.06 19.78
C GLU B 130 -35.97 24.62 21.20
N ARG B 131 -36.14 25.94 21.32
CA ARG B 131 -36.22 26.60 22.62
C ARG B 131 -37.57 26.25 23.25
N GLU B 132 -38.38 25.50 22.53
CA GLU B 132 -39.68 25.06 23.01
C GLU B 132 -39.48 23.83 23.89
N GLU B 133 -38.70 22.88 23.38
CA GLU B 133 -38.41 21.67 24.13
C GLU B 133 -37.46 22.04 25.25
N PHE B 134 -36.81 23.19 25.12
CA PHE B 134 -35.88 23.69 26.14
C PHE B 134 -36.66 24.14 27.35
N ARG B 135 -37.44 25.21 27.20
CA ARG B 135 -38.24 25.72 28.29
C ARG B 135 -38.99 24.57 28.96
N SER B 136 -39.55 23.66 28.16
CA SER B 136 -40.26 22.49 28.68
C SER B 136 -39.40 21.68 29.65
N SER B 137 -38.16 21.41 29.27
CA SER B 137 -37.25 20.64 30.11
C SER B 137 -36.80 21.47 31.30
N PHE B 138 -36.74 22.77 31.09
CA PHE B 138 -36.35 23.73 32.11
C PHE B 138 -37.44 23.77 33.17
N ASN B 139 -38.70 23.87 32.76
CA ASN B 139 -39.83 23.92 33.69
C ASN B 139 -39.81 22.69 34.60
N LYS B 140 -39.75 21.50 33.99
CA LYS B 140 -39.69 20.27 34.75
C LYS B 140 -38.66 20.42 35.88
N LYS B 141 -37.47 20.89 35.53
CA LYS B 141 -36.41 21.07 36.54
C LYS B 141 -36.79 22.17 37.55
N LYS B 142 -37.68 23.04 37.13
CA LYS B 142 -38.17 24.15 37.95
C LYS B 142 -39.21 23.62 38.94
N GLU B 143 -39.98 22.64 38.49
CA GLU B 143 -41.03 22.01 39.27
C GLU B 143 -40.54 20.86 40.15
N ASN B 144 -39.53 20.13 39.72
CA ASN B 144 -39.04 19.02 40.53
C ASN B 144 -37.93 19.51 41.46
N GLU B 145 -37.70 20.81 41.43
CA GLU B 145 -36.69 21.47 42.24
C GLU B 145 -35.32 20.83 42.15
N GLU B 146 -34.85 20.66 40.92
CA GLU B 146 -33.54 20.10 40.66
C GLU B 146 -32.65 21.19 40.06
N GLY B 147 -31.36 20.92 39.93
CA GLY B 147 -30.45 21.91 39.36
C GLY B 147 -30.90 22.43 38.01
N ASN B 148 -31.10 23.73 37.90
CA ASN B 148 -31.55 24.33 36.65
C ASN B 148 -30.58 25.40 36.15
N VAL B 149 -29.29 25.25 36.47
CA VAL B 149 -28.26 26.18 36.04
C VAL B 149 -27.73 25.76 34.66
N TRP B 150 -28.04 26.54 33.64
CA TRP B 150 -27.57 26.21 32.29
C TRP B 150 -26.48 27.16 31.83
N ILE B 151 -25.97 26.91 30.63
CA ILE B 151 -24.91 27.75 30.06
C ILE B 151 -25.09 27.89 28.55
N ALA B 152 -25.13 29.14 28.08
CA ALA B 152 -25.30 29.44 26.66
C ALA B 152 -23.95 29.72 26.03
N LYS B 153 -23.56 28.88 25.08
CA LYS B 153 -22.27 29.03 24.39
C LYS B 153 -22.46 29.37 22.91
N SER B 154 -21.50 30.09 22.35
CA SER B 154 -21.56 30.47 20.95
C SER B 154 -21.07 29.31 20.08
N SER B 155 -21.91 28.85 19.16
CA SER B 155 -21.51 27.75 18.27
C SER B 155 -20.75 28.31 17.05
N SER B 156 -19.59 28.88 17.31
CA SER B 156 -18.76 29.45 16.26
C SER B 156 -17.31 29.57 16.71
N GLU B 161 -16.05 34.27 21.28
CA GLU B 161 -15.67 34.38 22.68
C GLU B 161 -16.75 35.09 23.48
N GLY B 162 -17.69 34.33 24.04
CA GLY B 162 -18.75 34.94 24.83
C GLY B 162 -19.87 33.97 25.17
N ILE B 163 -19.92 33.56 26.43
CA ILE B 163 -20.96 32.64 26.90
C ILE B 163 -21.60 33.19 28.17
N LEU B 164 -22.73 32.60 28.56
CA LEU B 164 -23.46 33.02 29.77
C LEU B 164 -24.06 31.84 30.56
N ILE B 165 -23.75 31.80 31.85
CA ILE B 165 -24.25 30.75 32.74
C ILE B 165 -25.42 31.33 33.55
N SER B 166 -26.60 30.69 33.48
CA SER B 166 -27.75 31.21 34.21
C SER B 166 -28.85 30.18 34.55
N SER B 167 -29.84 30.65 35.31
CA SER B 167 -30.98 29.84 35.72
C SER B 167 -32.30 30.39 35.20
N ASP B 168 -32.27 31.56 34.57
CA ASP B 168 -33.48 32.16 34.03
C ASP B 168 -33.56 32.00 32.52
N ALA B 169 -34.49 31.15 32.07
CA ALA B 169 -34.69 30.90 30.64
C ALA B 169 -34.81 32.20 29.86
N THR B 170 -35.66 33.09 30.34
CA THR B 170 -35.90 34.38 29.69
C THR B 170 -34.68 35.31 29.67
N GLU B 171 -33.82 35.22 30.68
CA GLU B 171 -32.63 36.06 30.73
C GLU B 171 -31.46 35.39 30.02
N LEU B 172 -31.55 34.07 29.85
CA LEU B 172 -30.49 33.33 29.17
C LEU B 172 -30.73 33.50 27.66
N LEU B 173 -32.01 33.56 27.27
CA LEU B 173 -32.39 33.75 25.88
C LEU B 173 -32.21 35.20 25.43
N ASP B 174 -32.27 36.12 26.39
CA ASP B 174 -32.11 37.55 26.11
C ASP B 174 -30.63 37.84 25.99
N PHE B 175 -29.90 36.83 25.56
CA PHE B 175 -28.44 36.92 25.41
C PHE B 175 -28.06 36.44 24.01
N ILE B 176 -28.82 35.49 23.46
CA ILE B 176 -28.55 34.97 22.12
C ILE B 176 -29.31 35.87 21.14
N ASP B 177 -30.57 36.16 21.47
CA ASP B 177 -31.41 37.03 20.65
C ASP B 177 -30.84 38.44 20.63
N ASN B 178 -29.56 38.55 21.00
CA ASN B 178 -28.85 39.83 21.03
C ASN B 178 -27.39 39.64 20.65
N GLN B 179 -27.02 38.41 20.28
CA GLN B 179 -25.65 38.09 19.87
C GLN B 179 -25.64 37.72 18.40
N GLY B 180 -26.70 37.03 17.97
CA GLY B 180 -26.81 36.63 16.57
C GLY B 180 -25.71 35.69 16.10
N GLN B 181 -25.71 34.47 16.62
CA GLN B 181 -24.69 33.50 16.23
C GLN B 181 -25.13 32.07 16.57
N VAL B 182 -26.41 31.79 16.38
CA VAL B 182 -26.99 30.47 16.65
C VAL B 182 -26.23 29.71 17.75
N HIS B 183 -26.62 29.93 18.99
CA HIS B 183 -25.98 29.26 20.12
C HIS B 183 -26.66 27.95 20.53
N VAL B 184 -26.19 27.39 21.64
CA VAL B 184 -26.75 26.16 22.19
C VAL B 184 -26.82 26.35 23.70
N ILE B 185 -27.89 25.87 24.33
CA ILE B 185 -28.04 25.98 25.78
C ILE B 185 -27.73 24.59 26.31
N GLN B 186 -26.73 24.53 27.18
CA GLN B 186 -26.29 23.27 27.73
C GLN B 186 -26.34 23.26 29.24
N LYS B 187 -26.79 22.16 29.81
CA LYS B 187 -26.87 22.04 31.26
C LYS B 187 -25.47 22.16 31.83
N TYR B 188 -25.28 23.14 32.71
CA TYR B 188 -24.01 23.39 33.36
C TYR B 188 -23.74 22.33 34.43
N LEU B 189 -22.50 21.87 34.52
CA LEU B 189 -22.09 20.88 35.52
C LEU B 189 -21.75 21.61 36.81
N GLU B 190 -22.74 21.75 37.68
CA GLU B 190 -22.58 22.45 38.94
C GLU B 190 -21.64 21.76 39.93
N SER B 191 -21.39 20.47 39.72
CA SER B 191 -20.51 19.70 40.60
C SER B 191 -19.27 19.14 39.90
N PRO B 192 -18.30 20.01 39.58
CA PRO B 192 -17.08 19.57 38.90
C PRO B 192 -16.01 19.03 39.85
N LEU B 193 -15.23 18.08 39.34
CA LEU B 193 -14.14 17.51 40.12
C LEU B 193 -13.09 18.60 40.17
N LEU B 194 -12.74 19.05 41.37
CA LEU B 194 -11.75 20.12 41.49
C LEU B 194 -10.38 19.59 41.86
N LEU B 195 -9.35 20.36 41.56
CA LEU B 195 -7.99 19.96 41.87
C LEU B 195 -7.52 20.69 43.11
N GLU B 196 -6.67 20.06 43.90
CA GLU B 196 -6.13 20.68 45.11
C GLU B 196 -4.62 20.42 45.11
N PRO B 197 -3.82 21.37 45.61
CA PRO B 197 -4.20 22.67 46.18
C PRO B 197 -4.76 23.68 45.17
N GLY B 198 -5.45 24.71 45.67
CA GLY B 198 -6.02 25.73 44.81
C GLY B 198 -7.51 25.54 44.51
N HIS B 199 -7.99 24.31 44.66
CA HIS B 199 -9.39 24.00 44.40
C HIS B 199 -9.80 24.66 43.09
N ARG B 200 -9.14 24.25 42.01
CA ARG B 200 -9.41 24.80 40.71
C ARG B 200 -10.12 23.80 39.80
N LYS B 201 -10.93 24.34 38.89
CA LYS B 201 -11.69 23.57 37.92
C LYS B 201 -10.81 23.33 36.68
N PHE B 202 -11.12 22.32 35.89
CA PHE B 202 -10.31 22.02 34.73
C PHE B 202 -11.06 21.26 33.64
N ASP B 203 -10.35 21.02 32.55
CA ASP B 203 -10.91 20.25 31.45
C ASP B 203 -9.76 19.44 30.90
N ILE B 204 -10.06 18.26 30.38
CA ILE B 204 -9.01 17.43 29.81
C ILE B 204 -9.15 17.50 28.29
N ARG B 205 -8.02 17.53 27.61
CA ARG B 205 -8.02 17.60 26.17
C ARG B 205 -7.25 16.40 25.66
N SER B 206 -7.85 15.71 24.70
CA SER B 206 -7.23 14.52 24.11
C SER B 206 -7.06 14.72 22.62
N TRP B 207 -6.08 14.04 22.05
CA TRP B 207 -5.83 14.13 20.62
C TRP B 207 -6.09 12.76 20.02
N VAL B 208 -6.97 12.72 19.03
CA VAL B 208 -7.36 11.48 18.37
C VAL B 208 -7.10 11.58 16.86
N LEU B 209 -6.41 10.59 16.30
CA LEU B 209 -6.10 10.54 14.88
C LEU B 209 -6.86 9.46 14.13
N VAL B 210 -7.63 9.84 13.13
CA VAL B 210 -8.37 8.85 12.35
C VAL B 210 -7.73 8.76 10.97
N ASP B 211 -7.17 7.61 10.63
CA ASP B 211 -6.53 7.44 9.32
C ASP B 211 -7.53 7.07 8.21
N ASN B 212 -7.00 6.91 6.99
CA ASN B 212 -7.80 6.60 5.80
C ASN B 212 -8.59 5.29 5.80
N GLN B 213 -8.15 4.32 6.61
CA GLN B 213 -8.87 3.04 6.72
C GLN B 213 -9.91 3.18 7.81
N TYR B 214 -9.77 4.26 8.58
CA TYR B 214 -10.65 4.59 9.70
C TYR B 214 -10.26 3.93 11.00
N ASN B 215 -8.96 3.82 11.23
CA ASN B 215 -8.44 3.27 12.45
C ASN B 215 -8.43 4.47 13.38
N ILE B 216 -8.97 4.33 14.58
CA ILE B 216 -8.99 5.42 15.56
C ILE B 216 -7.77 5.28 16.46
N TYR B 217 -6.98 6.34 16.57
CA TYR B 217 -5.77 6.31 17.41
C TYR B 217 -5.77 7.43 18.44
N LEU B 218 -5.65 7.04 19.70
CA LEU B 218 -5.62 8.00 20.81
C LEU B 218 -4.19 8.23 21.25
N TYR B 219 -3.73 9.47 21.15
CA TYR B 219 -2.38 9.81 21.62
C TYR B 219 -2.37 9.56 23.14
N ARG B 220 -1.37 8.82 23.65
CA ARG B 220 -1.28 8.52 25.09
C ARG B 220 -1.09 9.73 25.99
N GLU B 221 -0.67 10.88 25.44
CA GLU B 221 -0.47 12.09 26.24
C GLU B 221 -1.67 13.03 26.11
N GLY B 222 -2.08 13.60 27.24
CA GLY B 222 -3.19 14.53 27.23
C GLY B 222 -2.71 15.79 27.89
N VAL B 223 -3.64 16.70 28.18
CA VAL B 223 -3.29 17.93 28.85
C VAL B 223 -4.52 18.48 29.54
N LEU B 224 -4.30 19.12 30.69
CA LEU B 224 -5.39 19.71 31.45
C LEU B 224 -5.31 21.22 31.39
N ARG B 225 -6.45 21.87 31.23
CA ARG B 225 -6.44 23.32 31.20
C ARG B 225 -7.14 23.66 32.51
N THR B 226 -6.36 24.13 33.48
CA THR B 226 -6.89 24.46 34.80
C THR B 226 -7.24 25.93 34.96
N SER B 227 -8.17 26.23 35.87
CA SER B 227 -8.55 27.61 36.09
C SER B 227 -7.43 28.38 36.75
N SER B 228 -7.46 29.71 36.61
CA SER B 228 -6.44 30.56 37.21
C SER B 228 -6.78 30.83 38.66
N GLU B 229 -8.06 30.74 38.99
CA GLU B 229 -8.53 31.00 40.34
C GLU B 229 -9.31 29.82 40.93
N PRO B 230 -9.57 29.85 42.24
CA PRO B 230 -10.32 28.78 42.91
C PRO B 230 -11.76 28.75 42.44
N TYR B 231 -12.40 27.61 42.65
CA TYR B 231 -13.79 27.41 42.25
C TYR B 231 -14.78 27.81 43.34
N ASN B 263 -0.63 26.45 34.59
CA ASN B 263 -2.00 26.46 34.08
C ASN B 263 -2.18 25.35 33.05
N GLU B 264 -1.20 24.44 32.98
CA GLU B 264 -1.23 23.31 32.08
C GLU B 264 -0.70 22.14 32.89
N MET B 265 -1.52 21.10 33.04
CA MET B 265 -1.12 19.92 33.81
C MET B 265 -1.17 18.72 32.88
N PHE B 266 -0.11 17.91 32.91
CA PHE B 266 -0.04 16.75 32.06
C PHE B 266 -0.43 15.52 32.83
N PHE B 267 -0.71 14.45 32.09
CA PHE B 267 -1.14 13.18 32.67
C PHE B 267 -0.28 12.58 33.77
N GLU B 268 0.99 12.93 33.80
CA GLU B 268 1.91 12.44 34.81
C GLU B 268 1.49 13.03 36.15
N GLU B 269 1.48 14.36 36.22
CA GLU B 269 1.12 15.11 37.41
C GLU B 269 -0.35 14.99 37.77
N PHE B 270 -1.20 14.78 36.79
CA PHE B 270 -2.63 14.64 37.05
C PHE B 270 -2.90 13.28 37.69
N ASN B 271 -2.21 12.25 37.22
CA ASN B 271 -2.37 10.91 37.76
C ASN B 271 -1.84 10.91 39.20
N GLN B 272 -0.74 11.64 39.40
CA GLN B 272 -0.10 11.75 40.69
C GLN B 272 -0.95 12.63 41.62
N TYR B 273 -2.17 12.94 41.17
CA TYR B 273 -3.11 13.75 41.97
C TYR B 273 -4.36 12.92 42.26
N LEU B 274 -4.74 12.09 41.30
CA LEU B 274 -5.92 11.24 41.45
C LEU B 274 -5.67 10.11 42.43
N VAL B 275 -4.38 9.75 42.57
CA VAL B 275 -3.97 8.68 43.48
C VAL B 275 -3.74 9.22 44.89
N THR B 276 -2.93 10.26 45.01
CA THR B 276 -2.62 10.86 46.30
C THR B 276 -3.85 11.43 47.01
N SER B 277 -4.67 12.19 46.28
CA SER B 277 -5.86 12.79 46.87
C SER B 277 -7.16 12.01 46.66
N LEU B 278 -7.12 10.94 45.86
CA LEU B 278 -8.34 10.17 45.61
C LEU B 278 -8.18 8.64 45.60
N ASN B 279 -6.95 8.16 45.76
CA ASN B 279 -6.67 6.74 45.77
C ASN B 279 -7.21 6.01 44.54
N ILE B 280 -6.82 6.48 43.35
CA ILE B 280 -7.23 5.88 42.08
C ILE B 280 -6.29 6.40 41.00
N ASN B 281 -5.98 5.58 40.00
CA ASN B 281 -5.09 6.03 38.92
C ASN B 281 -5.89 6.67 37.78
N LEU B 282 -5.17 7.13 36.76
CA LEU B 282 -5.79 7.77 35.60
C LEU B 282 -6.45 6.75 34.69
N GLU B 283 -5.75 5.65 34.38
CA GLU B 283 -6.27 4.60 33.51
C GLU B 283 -7.71 4.23 33.87
N ASN B 284 -7.85 3.22 34.71
CA ASN B 284 -9.17 2.77 35.15
C ASN B 284 -9.76 3.79 36.11
N SER B 285 -10.24 4.90 35.55
CA SER B 285 -10.82 5.96 36.33
C SER B 285 -11.47 6.98 35.41
N ILE B 286 -10.69 7.45 34.44
CA ILE B 286 -11.16 8.45 33.50
C ILE B 286 -10.86 8.08 32.06
N LEU B 287 -9.64 7.59 31.80
CA LEU B 287 -9.26 7.21 30.44
C LEU B 287 -10.19 6.21 29.78
N CYS B 288 -10.66 5.23 30.56
CA CYS B 288 -11.56 4.20 30.04
C CYS B 288 -12.83 4.80 29.46
N GLN B 289 -13.39 5.78 30.17
CA GLN B 289 -14.62 6.45 29.76
C GLN B 289 -14.39 7.32 28.52
N ILE B 290 -13.26 8.03 28.52
CA ILE B 290 -12.92 8.87 27.38
C ILE B 290 -12.81 8.00 26.14
N LYS B 291 -12.19 6.83 26.28
CA LYS B 291 -12.03 5.91 25.16
C LYS B 291 -13.36 5.48 24.59
N GLU B 292 -14.32 5.24 25.47
CA GLU B 292 -15.63 4.82 25.04
C GLU B 292 -16.35 5.97 24.34
N ILE B 293 -16.22 7.18 24.86
CA ILE B 293 -16.87 8.34 24.27
C ILE B 293 -16.36 8.56 22.85
N ILE B 294 -15.04 8.50 22.72
CA ILE B 294 -14.38 8.69 21.44
C ILE B 294 -14.82 7.63 20.43
N ARG B 295 -14.87 6.38 20.87
CA ARG B 295 -15.29 5.25 20.05
C ARG B 295 -16.71 5.40 19.52
N VAL B 296 -17.68 5.69 20.40
CA VAL B 296 -19.06 5.85 19.95
C VAL B 296 -19.29 7.08 19.10
N CYS B 297 -18.55 8.16 19.36
CA CYS B 297 -18.71 9.39 18.57
C CYS B 297 -18.35 9.20 17.11
N LEU B 298 -17.13 8.70 16.87
CA LEU B 298 -16.62 8.49 15.52
C LEU B 298 -17.37 7.40 14.74
N SER B 299 -17.80 6.35 15.43
CA SER B 299 -18.51 5.25 14.79
C SER B 299 -19.86 5.69 14.19
N CYS B 300 -20.53 6.63 14.85
CA CYS B 300 -21.82 7.13 14.39
C CYS B 300 -21.63 8.15 13.27
N LEU B 301 -20.42 8.65 13.16
CA LEU B 301 -20.10 9.62 12.13
C LEU B 301 -19.71 8.93 10.83
N GLU B 302 -18.96 7.83 10.95
CA GLU B 302 -18.47 7.07 9.80
C GLU B 302 -19.37 6.92 8.58
N PRO B 303 -20.59 6.41 8.77
CA PRO B 303 -21.45 6.25 7.59
C PRO B 303 -21.55 7.52 6.75
N ALA B 304 -21.52 8.66 7.41
CA ALA B 304 -21.64 9.94 6.71
C ALA B 304 -20.36 10.59 6.18
N ILE B 305 -19.19 10.04 6.51
CA ILE B 305 -17.94 10.63 6.03
C ILE B 305 -16.99 9.59 5.41
N SER B 306 -17.49 8.36 5.30
CA SER B 306 -16.72 7.28 4.69
C SER B 306 -16.21 7.75 3.32
N THR B 307 -14.98 7.38 2.98
CA THR B 307 -14.40 7.77 1.69
C THR B 307 -14.39 6.55 0.78
N LYS B 308 -14.88 5.42 1.29
CA LYS B 308 -14.92 4.17 0.55
C LYS B 308 -15.35 4.28 -0.92
N TYR B 309 -16.22 5.23 -1.24
CA TYR B 309 -16.67 5.40 -2.61
C TYR B 309 -16.31 6.76 -3.16
N LEU B 310 -15.33 7.40 -2.54
CA LEU B 310 -14.88 8.71 -2.98
C LEU B 310 -13.61 8.52 -3.79
N PRO B 311 -13.21 9.50 -4.61
CA PRO B 311 -11.99 9.32 -5.41
C PRO B 311 -10.67 9.80 -4.77
N TYR B 312 -10.62 9.87 -3.45
CA TYR B 312 -9.41 10.30 -2.76
C TYR B 312 -9.45 9.76 -1.35
N HIS B 313 -8.32 9.87 -0.64
CA HIS B 313 -8.21 9.40 0.75
C HIS B 313 -8.22 10.57 1.72
N SER B 314 -8.67 10.29 2.94
CA SER B 314 -8.80 11.26 4.01
C SER B 314 -8.32 10.77 5.40
N PHE B 315 -7.84 11.69 6.21
CA PHE B 315 -7.46 11.38 7.60
C PHE B 315 -7.70 12.68 8.37
N GLN B 316 -7.78 12.61 9.69
CA GLN B 316 -7.99 13.84 10.46
C GLN B 316 -7.65 13.75 11.94
N LEU B 317 -7.09 14.85 12.47
CA LEU B 317 -6.70 14.98 13.87
C LEU B 317 -7.81 15.71 14.62
N PHE B 318 -8.39 15.05 15.62
CA PHE B 318 -9.48 15.62 16.40
C PHE B 318 -8.99 15.91 17.80
N GLY B 319 -9.63 16.89 18.42
CA GLY B 319 -9.31 17.26 19.78
C GLY B 319 -10.57 17.14 20.63
N PHE B 320 -10.62 16.14 21.50
CA PHE B 320 -11.80 15.96 22.35
C PHE B 320 -11.60 16.70 23.68
N ASP B 321 -12.60 17.50 24.06
CA ASP B 321 -12.55 18.26 25.31
C ASP B 321 -13.46 17.58 26.33
N PHE B 322 -12.90 17.20 27.49
CA PHE B 322 -13.68 16.51 28.51
C PHE B 322 -13.71 17.19 29.88
N MET B 323 -14.74 16.85 30.63
CA MET B 323 -14.94 17.33 31.99
C MET B 323 -15.33 16.17 32.91
N VAL B 324 -14.93 16.25 34.17
CA VAL B 324 -15.24 15.22 35.14
C VAL B 324 -15.97 15.89 36.30
N ASP B 325 -17.07 15.30 36.76
CA ASP B 325 -17.82 15.84 37.90
C ASP B 325 -17.28 15.21 39.19
N LYS B 326 -17.86 15.58 40.34
CA LYS B 326 -17.39 15.02 41.62
C LYS B 326 -17.50 13.50 41.70
N ASN B 327 -18.40 12.90 40.91
CA ASN B 327 -18.60 11.43 40.88
C ASN B 327 -17.60 10.69 39.97
N LEU B 328 -16.59 11.39 39.48
CA LEU B 328 -15.61 10.78 38.59
C LEU B 328 -16.23 10.43 37.26
N LYS B 329 -17.39 11.02 36.98
CA LYS B 329 -18.08 10.77 35.73
C LYS B 329 -17.58 11.74 34.66
N VAL B 330 -17.22 11.21 33.50
CA VAL B 330 -16.70 12.03 32.40
C VAL B 330 -17.78 12.52 31.44
N TRP B 331 -17.78 13.82 31.19
CA TRP B 331 -18.72 14.41 30.26
C TRP B 331 -17.96 14.98 29.06
N LEU B 332 -18.53 14.83 27.87
CA LEU B 332 -17.92 15.35 26.66
C LEU B 332 -18.51 16.73 26.42
N ILE B 333 -17.67 17.75 26.31
CA ILE B 333 -18.18 19.09 26.06
C ILE B 333 -18.03 19.50 24.61
N GLU B 334 -16.93 19.10 23.97
CA GLU B 334 -16.77 19.45 22.57
C GLU B 334 -15.68 18.69 21.84
N VAL B 335 -15.76 18.72 20.52
CA VAL B 335 -14.77 18.06 19.66
C VAL B 335 -14.28 19.13 18.71
N ASN B 336 -12.97 19.36 18.68
CA ASN B 336 -12.38 20.35 17.81
C ASN B 336 -11.80 19.68 16.58
N GLY B 337 -12.17 20.16 15.39
CA GLY B 337 -11.68 19.58 14.15
C GLY B 337 -10.30 20.02 13.72
N ALA B 338 -9.77 21.04 14.38
CA ALA B 338 -8.46 21.59 14.05
C ALA B 338 -7.75 22.02 15.33
N PRO B 339 -7.43 21.07 16.19
CA PRO B 339 -6.76 21.37 17.45
C PRO B 339 -5.29 21.72 17.32
N ALA B 340 -4.83 22.57 18.22
CA ALA B 340 -3.42 22.92 18.30
C ALA B 340 -2.89 21.89 19.32
N CYS B 341 -1.61 21.93 19.64
CA CYS B 341 -1.06 20.96 20.57
C CYS B 341 -0.32 21.69 21.67
N ALA B 342 0.18 20.94 22.65
CA ALA B 342 0.96 21.54 23.73
C ALA B 342 2.40 21.59 23.22
N GLN B 343 3.11 22.69 23.48
CA GLN B 343 4.48 22.89 23.03
C GLN B 343 5.41 21.67 23.04
N LYS B 344 5.55 21.00 24.18
CA LYS B 344 6.44 19.85 24.29
C LYS B 344 5.92 18.56 23.67
N LEU B 345 4.65 18.57 23.24
CA LEU B 345 4.04 17.39 22.63
C LEU B 345 4.05 17.43 21.10
N TYR B 346 4.27 18.62 20.53
CA TYR B 346 4.29 18.79 19.07
C TYR B 346 5.15 17.80 18.33
N ALA B 347 6.40 17.66 18.75
CA ALA B 347 7.35 16.77 18.11
C ALA B 347 6.94 15.31 18.03
N GLU B 348 6.37 14.79 19.11
CA GLU B 348 5.95 13.39 19.14
C GLU B 348 4.63 13.14 18.43
N LEU B 349 3.65 14.01 18.67
CA LEU B 349 2.34 13.87 18.04
C LEU B 349 2.46 13.92 16.51
N CYS B 350 3.02 15.02 16.01
CA CYS B 350 3.18 15.21 14.58
C CYS B 350 4.04 14.14 13.91
N LYS B 351 4.92 13.50 14.65
CA LYS B 351 5.73 12.43 14.05
C LYS B 351 4.75 11.27 13.97
N GLY B 352 3.82 11.24 14.91
CA GLY B 352 2.84 10.18 14.93
C GLY B 352 1.93 10.30 13.73
N ILE B 353 1.49 11.53 13.46
CA ILE B 353 0.63 11.75 12.31
C ILE B 353 1.28 11.26 11.03
N VAL B 354 2.53 11.69 10.77
CA VAL B 354 3.22 11.25 9.55
C VAL B 354 3.40 9.73 9.47
N ASP B 355 3.64 9.08 10.61
CA ASP B 355 3.85 7.65 10.63
C ASP B 355 2.59 6.82 10.46
N LEU B 356 1.56 7.21 11.18
CA LEU B 356 0.29 6.50 11.17
C LEU B 356 -0.70 6.87 10.07
N ALA B 357 -0.73 8.14 9.69
CA ALA B 357 -1.70 8.56 8.68
C ALA B 357 -1.16 8.95 7.32
N ILE B 358 0.13 9.26 7.21
CA ILE B 358 0.68 9.64 5.92
C ILE B 358 1.55 8.56 5.27
N SER B 359 2.57 8.10 5.97
CA SER B 359 3.46 7.05 5.46
C SER B 359 2.73 5.72 5.31
N SER B 360 1.65 5.55 6.06
CA SER B 360 0.88 4.32 5.96
C SER B 360 0.30 4.27 4.55
N VAL B 361 0.13 5.44 3.94
CA VAL B 361 -0.40 5.54 2.59
C VAL B 361 0.71 5.69 1.56
N PHE B 362 1.72 6.52 1.88
CA PHE B 362 2.84 6.74 0.98
C PHE B 362 4.10 6.26 1.71
N PRO B 363 4.48 4.99 1.50
CA PRO B 363 5.66 4.41 2.14
C PRO B 363 7.00 5.09 1.87
N LEU B 364 7.91 4.99 2.84
CA LEU B 364 9.25 5.54 2.71
C LEU B 364 10.28 4.39 2.69
N ASN B 365 11.55 4.72 2.46
CA ASN B 365 12.62 3.73 2.43
C ASN B 365 12.99 3.32 3.87
N ASN B 375 2.67 1.71 23.82
CA ASN B 375 3.37 2.66 22.94
C ASN B 375 2.61 3.98 22.76
N VAL B 376 3.30 4.98 22.17
CA VAL B 376 2.79 6.34 21.93
C VAL B 376 1.31 6.54 21.54
N PHE B 377 0.78 5.70 20.66
CA PHE B 377 -0.64 5.84 20.28
C PHE B 377 -1.39 4.59 20.68
N ILE B 378 -2.62 4.75 21.11
CA ILE B 378 -3.44 3.63 21.54
C ILE B 378 -4.55 3.44 20.53
N LYS B 379 -4.52 2.33 19.82
CA LYS B 379 -5.53 2.06 18.81
C LYS B 379 -6.84 1.67 19.45
N LEU B 380 -7.88 2.45 19.16
CA LEU B 380 -9.20 2.20 19.71
C LEU B 380 -9.98 1.26 18.81
PG ANP C . 13.48 -21.44 -30.91
O1G ANP C . 13.69 -22.72 -31.69
O2G ANP C . 12.47 -20.51 -31.57
O3G ANP C . 13.02 -21.73 -29.48
PB ANP C . 15.95 -20.36 -29.82
O1B ANP C . 17.02 -19.44 -30.33
O2B ANP C . 15.19 -19.71 -28.71
N3B ANP C . 14.93 -20.63 -30.86
PA ANP C . 16.76 -22.78 -28.25
O1A ANP C . 17.91 -22.54 -27.34
O2A ANP C . 15.43 -22.79 -27.61
O3A ANP C . 16.71 -21.67 -29.41
O5' ANP C . 17.10 -24.16 -29.03
C5' ANP C . 16.17 -24.67 -29.99
C4' ANP C . 15.95 -26.16 -29.58
O4' ANP C . 17.22 -26.78 -29.37
C3' ANP C . 15.20 -26.36 -28.23
O3' ANP C . 13.74 -26.38 -28.37
C2' ANP C . 15.80 -27.68 -27.70
O2' ANP C . 14.87 -28.68 -28.28
C1' ANP C . 17.15 -27.87 -28.38
N9 ANP C . 18.27 -27.70 -27.42
C8 ANP C . 18.79 -26.49 -26.97
N7 ANP C . 19.78 -26.61 -26.12
C5 ANP C . 19.93 -27.97 -25.98
C6 ANP C . 20.82 -28.77 -25.23
N6 ANP C . 21.74 -28.26 -24.43
N1 ANP C . 20.70 -30.13 -25.33
C2 ANP C . 19.77 -30.66 -26.14
N3 ANP C . 18.88 -30.01 -26.90
C4 ANP C . 19.02 -28.66 -26.78
MG MG D . 6.60 -9.22 -17.98
MG MG E . 13.88 -2.11 -13.46
MG MG F . 14.14 -21.03 -27.88
PG ANP G . -13.17 28.55 24.09
O1G ANP G . -12.19 29.53 23.47
O2G ANP G . -12.71 27.11 23.96
O3G ANP G . -13.40 28.86 25.57
PB ANP G . -15.97 28.16 23.49
O1B ANP G . -17.01 29.22 23.50
O2B ANP G . -16.17 27.24 22.32
N3B ANP G . -14.62 28.71 23.28
PA ANP G . -16.07 25.99 25.51
O1A ANP G . -17.28 25.21 25.14
O2A ANP G . -14.76 25.39 25.12
O3A ANP G . -16.09 27.44 24.86
O5' ANP G . -16.19 26.28 27.09
C5' ANP G . -15.17 27.05 27.73
C4' ANP G . -15.15 26.48 29.18
O4' ANP G . -16.47 26.50 29.74
C3' ANP G . -14.70 24.98 29.29
O3' ANP G . -13.27 24.80 29.38
C2' ANP G . -15.44 24.52 30.54
O2' ANP G . -14.47 24.91 31.59
C1' ANP G . -16.68 25.40 30.69
N9 ANP G . -17.88 24.65 30.31
C8 ANP G . -18.37 24.48 29.02
N7 ANP G . -19.45 23.75 28.96
C5 ANP G . -19.72 23.44 30.27
C6 ANP G . -20.73 22.67 30.91
N6 ANP G . -21.71 22.10 30.26
N1 ANP G . -20.69 22.55 32.26
C2 ANP G . -19.68 23.14 32.95
N3 ANP G . -18.67 23.88 32.47
C4 ANP G . -18.74 23.98 31.11
MG MG H . -6.33 17.04 10.58
MG MG I . -13.37 13.53 3.07
MG MG J . -14.44 25.87 22.33
MG MG K . -5.45 23.07 9.43
#